data_1ELQ
#
_entry.id   1ELQ
#
_cell.length_a   62.4
_cell.length_b   65.4
_cell.length_c   170.1
_cell.angle_alpha   90
_cell.angle_beta   90
_cell.angle_gamma   90
#
_symmetry.space_group_name_H-M   'P 21 21 21'
#
loop_
_entity.id
_entity.type
_entity.pdbx_description
1 polymer 'L-CYSTEINE/L-CYSTINE C-S LYASE'
2 non-polymer 'POTASSIUM ION'
3 non-polymer "PYRIDOXAL-5'-PHOSPHATE"
4 water water
#
_entity_poly.entity_id   1
_entity_poly.type   'polypeptide(L)'
_entity_poly.pdbx_seq_one_letter_code
;MTMITPSLHQFPGLANKTYFNFGGQGILPTVALEAITAMYGYLQENGPFSIAANQHIQQLIAQLRQALAETFNVDPNTIT
ITDNVTTGCDIVLWGLDWHQGDEILLTDCEHPGIIAIVQAIAARFGITYRFFPVAATLNQGDAAAVLANHLGPKTRLVIL
SHLLWNTGQVLPLAEIMAVCRRHQGNYPVRVLVDGAQSAGSLPLDFSRLEVDYYAFTGHKWFAGPAGVGGLYIHGDCLGE
INPTYVGWRSITYGAKGEPTGWAEGGKRFEVATSAYPQYAGLLAALQLHQRQGTAEERYQAICQRSEFLWRGLNQLPHVH
CLATSAPQAGLVSFTVDSPLGHRAIVQKLEEQRIYLRTIADPDCIRACCHYITDEEEINHLLARLADFGP
;
_entity_poly.pdbx_strand_id   A,B
#
loop_
_chem_comp.id
_chem_comp.type
_chem_comp.name
_chem_comp.formula
K non-polymer 'POTASSIUM ION' 'K 1'
PLP non-polymer PYRIDOXAL-5'-PHOSPHATE 'C8 H10 N O6 P'
#
# COMPACT_ATOMS: atom_id res chain seq x y z
N GLN A 10 -8.42 22.39 16.41
CA GLN A 10 -8.31 20.94 16.13
C GLN A 10 -7.64 20.76 14.76
N PHE A 11 -7.78 21.76 13.89
CA PHE A 11 -7.23 21.68 12.55
C PHE A 11 -6.33 22.89 12.33
N PRO A 12 -5.14 22.85 12.95
CA PRO A 12 -4.15 23.93 12.86
C PRO A 12 -3.80 24.35 11.45
N GLY A 13 -3.88 23.42 10.50
CA GLY A 13 -3.54 23.73 9.12
C GLY A 13 -4.40 24.82 8.46
N LEU A 14 -5.59 25.03 8.99
CA LEU A 14 -6.49 26.04 8.43
C LEU A 14 -6.02 27.49 8.58
N ALA A 15 -5.38 27.81 9.69
CA ALA A 15 -4.96 29.19 9.91
C ALA A 15 -3.84 29.59 8.99
N ASN A 16 -3.89 30.82 8.52
CA ASN A 16 -2.82 31.30 7.65
C ASN A 16 -2.85 30.80 6.19
N LYS A 17 -4.00 30.26 5.80
CA LYS A 17 -4.27 29.86 4.42
C LYS A 17 -5.80 29.87 4.26
N THR A 18 -6.28 29.77 3.03
CA THR A 18 -7.72 29.76 2.73
C THR A 18 -7.88 28.46 1.94
N TYR A 19 -8.09 27.38 2.67
CA TYR A 19 -8.14 26.04 2.07
C TYR A 19 -9.49 25.56 1.59
N PHE A 20 -9.52 25.15 0.33
CA PHE A 20 -10.76 24.63 -0.28
C PHE A 20 -10.42 23.35 -1.06
N ASN A 21 -9.36 22.65 -0.61
CA ASN A 21 -8.91 21.44 -1.29
C ASN A 21 -9.12 20.12 -0.53
N PHE A 22 -10.15 20.04 0.32
CA PHE A 22 -10.42 18.83 1.08
C PHE A 22 -10.67 17.61 0.22
N GLY A 23 -11.18 17.83 -0.99
CA GLY A 23 -11.49 16.74 -1.91
C GLY A 23 -10.21 16.19 -2.54
N GLY A 24 -9.11 16.92 -2.37
CA GLY A 24 -7.78 16.51 -2.86
C GLY A 24 -7.13 15.79 -1.68
N GLN A 25 -7.04 16.48 -0.55
CA GLN A 25 -6.55 15.89 0.70
C GLN A 25 -7.04 16.79 1.85
N GLY A 26 -7.53 16.16 2.91
CA GLY A 26 -8.04 16.96 4.01
C GLY A 26 -6.93 17.47 4.92
N ILE A 27 -7.22 18.54 5.62
CA ILE A 27 -6.26 19.07 6.59
C ILE A 27 -6.22 18.08 7.78
N LEU A 28 -5.02 17.66 8.14
CA LEU A 28 -4.86 16.66 9.19
C LEU A 28 -5.07 17.28 10.59
N PRO A 29 -6.02 16.76 11.37
CA PRO A 29 -6.24 17.30 12.72
C PRO A 29 -5.10 16.97 13.67
N THR A 30 -4.90 17.79 14.69
CA THR A 30 -3.83 17.57 15.68
C THR A 30 -3.90 16.17 16.31
N VAL A 31 -5.09 15.73 16.73
CA VAL A 31 -5.21 14.40 17.32
C VAL A 31 -4.68 13.29 16.40
N ALA A 32 -4.77 13.49 15.11
CA ALA A 32 -4.30 12.45 14.21
C ALA A 32 -2.79 12.46 14.20
N LEU A 33 -2.17 13.65 14.13
CA LEU A 33 -0.69 13.69 14.13
C LEU A 33 -0.18 13.15 15.48
N GLU A 34 -0.88 13.44 16.58
CA GLU A 34 -0.44 12.93 17.88
C GLU A 34 -0.50 11.38 17.91
N ALA A 35 -1.53 10.78 17.30
CA ALA A 35 -1.65 9.32 17.28
C ALA A 35 -0.54 8.69 16.42
N ILE A 36 -0.24 9.35 15.32
CA ILE A 36 0.82 8.88 14.41
C ILE A 36 2.14 8.86 15.20
N THR A 37 2.49 10.01 15.74
CA THR A 37 3.72 10.15 16.54
C THR A 37 3.76 9.16 17.71
N ALA A 38 2.66 9.04 18.45
CA ALA A 38 2.60 8.11 19.57
C ALA A 38 2.86 6.67 19.14
N MET A 39 2.39 6.29 17.96
CA MET A 39 2.59 4.92 17.47
C MET A 39 4.08 4.65 17.16
N TYR A 40 4.77 5.62 16.56
CA TYR A 40 6.22 5.40 16.33
C TYR A 40 6.93 5.21 17.67
N GLY A 41 6.52 6.03 18.64
CA GLY A 41 7.09 5.96 19.98
C GLY A 41 6.86 4.62 20.64
N TYR A 42 5.65 4.09 20.52
CA TYR A 42 5.32 2.80 21.11
C TYR A 42 6.19 1.71 20.45
N LEU A 43 6.37 1.79 19.13
CA LEU A 43 7.18 0.81 18.42
C LEU A 43 8.66 0.94 18.83
N GLN A 44 9.10 2.17 19.02
CA GLN A 44 10.47 2.37 19.44
C GLN A 44 10.69 1.78 20.83
N GLU A 45 9.78 2.10 21.73
CA GLU A 45 9.89 1.64 23.11
C GLU A 45 9.79 0.14 23.34
N ASN A 46 8.87 -0.49 22.63
CA ASN A 46 8.54 -1.89 22.81
C ASN A 46 8.88 -2.88 21.72
N GLY A 47 9.46 -2.40 20.63
CA GLY A 47 9.77 -3.33 19.57
C GLY A 47 10.92 -2.78 18.76
N PRO A 48 10.68 -2.41 17.49
CA PRO A 48 9.44 -2.45 16.73
C PRO A 48 8.84 -3.83 16.36
N PHE A 49 9.64 -4.88 16.40
CA PHE A 49 9.14 -6.23 16.10
C PHE A 49 9.30 -7.02 17.39
N SER A 50 8.17 -7.42 17.96
CA SER A 50 8.18 -8.12 19.23
C SER A 50 6.75 -8.59 19.49
N ILE A 51 6.56 -9.40 20.52
CA ILE A 51 5.26 -9.93 20.86
C ILE A 51 4.41 -8.75 21.26
N ALA A 52 4.94 -7.87 22.10
CA ALA A 52 4.15 -6.72 22.56
C ALA A 52 3.78 -5.82 21.38
N ALA A 53 4.78 -5.45 20.59
CA ALA A 53 4.53 -4.57 19.44
C ALA A 53 3.59 -5.21 18.42
N ASN A 54 3.81 -6.49 18.09
CA ASN A 54 2.96 -7.16 17.13
C ASN A 54 1.51 -7.20 17.64
N GLN A 55 1.32 -7.43 18.92
CA GLN A 55 -0.04 -7.43 19.47
C GLN A 55 -0.67 -6.04 19.44
N HIS A 56 0.13 -5.01 19.75
CA HIS A 56 -0.37 -3.63 19.77
C HIS A 56 -0.87 -3.24 18.37
N ILE A 57 -0.13 -3.68 17.34
CA ILE A 57 -0.49 -3.38 15.97
C ILE A 57 -1.77 -4.12 15.58
N GLN A 58 -1.89 -5.39 15.96
CA GLN A 58 -3.11 -6.13 15.66
C GLN A 58 -4.31 -5.48 16.33
N GLN A 59 -4.12 -5.05 17.57
CA GLN A 59 -5.21 -4.40 18.28
C GLN A 59 -5.62 -3.10 17.55
N LEU A 60 -4.61 -2.35 17.11
CA LEU A 60 -4.85 -1.11 16.38
C LEU A 60 -5.65 -1.38 15.10
N ILE A 61 -5.21 -2.38 14.33
CA ILE A 61 -5.90 -2.69 13.08
C ILE A 61 -7.38 -3.02 13.37
N ALA A 62 -7.64 -3.83 14.40
CA ALA A 62 -9.02 -4.19 14.78
C ALA A 62 -9.86 -2.99 15.17
N GLN A 63 -9.25 -2.06 15.90
CA GLN A 63 -9.93 -0.84 16.32
C GLN A 63 -10.27 0.02 15.12
N LEU A 64 -9.35 0.14 14.17
CA LEU A 64 -9.63 0.95 12.98
C LEU A 64 -10.73 0.28 12.16
N ARG A 65 -10.63 -1.04 12.00
CA ARG A 65 -11.60 -1.80 11.21
C ARG A 65 -13.00 -1.66 11.78
N GLN A 66 -13.07 -1.66 13.10
CA GLN A 66 -14.34 -1.52 13.81
C GLN A 66 -14.88 -0.10 13.70
N ALA A 67 -14.00 0.91 13.77
CA ALA A 67 -14.48 2.29 13.66
C ALA A 67 -15.02 2.55 12.27
N LEU A 68 -14.40 1.94 11.25
CA LEU A 68 -14.88 2.12 9.88
C LEU A 68 -16.23 1.42 9.77
N ALA A 69 -16.31 0.21 10.30
CA ALA A 69 -17.55 -0.54 10.27
C ALA A 69 -18.71 0.27 10.85
N GLU A 70 -18.48 0.91 11.98
CA GLU A 70 -19.49 1.72 12.64
C GLU A 70 -19.83 2.99 11.87
N THR A 71 -18.84 3.51 11.15
CA THR A 71 -19.04 4.71 10.38
C THR A 71 -20.12 4.46 9.32
N PHE A 72 -20.10 3.27 8.74
CA PHE A 72 -21.04 2.88 7.69
C PHE A 72 -22.17 1.96 8.17
N ASN A 73 -22.20 1.73 9.48
CA ASN A 73 -23.20 0.90 10.13
C ASN A 73 -23.28 -0.50 9.54
N VAL A 74 -22.12 -1.17 9.48
CA VAL A 74 -22.05 -2.53 8.96
C VAL A 74 -21.17 -3.36 9.86
N ASP A 75 -21.12 -4.65 9.57
CA ASP A 75 -20.31 -5.54 10.37
C ASP A 75 -18.88 -5.41 9.89
N PRO A 76 -17.91 -5.43 10.83
CA PRO A 76 -16.46 -5.30 10.60
C PRO A 76 -15.95 -6.31 9.56
N ASN A 77 -16.60 -7.47 9.48
CA ASN A 77 -16.20 -8.50 8.52
C ASN A 77 -16.33 -8.03 7.06
N THR A 78 -17.13 -7.00 6.80
CA THR A 78 -17.31 -6.50 5.43
C THR A 78 -16.28 -5.43 5.07
N ILE A 79 -15.37 -5.11 6.00
CA ILE A 79 -14.41 -4.05 5.77
C ILE A 79 -12.95 -4.50 5.53
N THR A 80 -12.36 -4.02 4.44
CA THR A 80 -10.98 -4.31 4.15
C THR A 80 -10.25 -2.97 4.30
N ILE A 81 -9.09 -2.96 4.96
CA ILE A 81 -8.34 -1.73 5.09
C ILE A 81 -7.32 -1.72 3.95
N THR A 82 -7.22 -0.60 3.25
CA THR A 82 -6.30 -0.44 2.13
C THR A 82 -5.47 0.82 2.36
N ASP A 83 -4.81 1.30 1.32
CA ASP A 83 -4.04 2.53 1.43
C ASP A 83 -4.72 3.70 0.76
N ASN A 84 -5.75 3.46 -0.06
CA ASN A 84 -6.37 4.56 -0.81
C ASN A 84 -7.65 4.07 -1.54
N VAL A 85 -8.37 4.96 -2.20
CA VAL A 85 -9.57 4.55 -2.90
C VAL A 85 -9.30 3.52 -3.99
N THR A 86 -8.31 3.82 -4.83
CA THR A 86 -7.99 3.01 -5.97
C THR A 86 -7.78 1.53 -5.68
N THR A 87 -7.00 1.21 -4.64
CA THR A 87 -6.73 -0.18 -4.27
C THR A 87 -8.07 -0.92 -4.03
N GLY A 88 -9.05 -0.25 -3.44
CA GLY A 88 -10.33 -0.92 -3.23
C GLY A 88 -10.95 -1.33 -4.56
N CYS A 89 -10.84 -0.43 -5.54
CA CYS A 89 -11.37 -0.69 -6.88
C CYS A 89 -10.56 -1.83 -7.53
N ASP A 90 -9.23 -1.83 -7.34
CA ASP A 90 -8.40 -2.90 -7.92
C ASP A 90 -8.77 -4.29 -7.38
N ILE A 91 -9.02 -4.36 -6.08
CA ILE A 91 -9.41 -5.61 -5.40
C ILE A 91 -10.68 -6.18 -6.06
N VAL A 92 -11.72 -5.35 -6.15
CA VAL A 92 -12.97 -5.83 -6.76
C VAL A 92 -12.82 -6.21 -8.23
N LEU A 93 -12.28 -5.29 -9.02
CA LEU A 93 -12.12 -5.52 -10.46
C LEU A 93 -11.25 -6.74 -10.81
N TRP A 94 -10.12 -6.93 -10.13
CA TRP A 94 -9.27 -8.08 -10.42
C TRP A 94 -9.79 -9.40 -9.86
N GLY A 95 -10.73 -9.29 -8.93
CA GLY A 95 -11.26 -10.45 -8.24
C GLY A 95 -12.50 -11.10 -8.81
N LEU A 96 -13.25 -10.35 -9.60
CA LEU A 96 -14.46 -10.87 -10.25
C LEU A 96 -14.06 -11.90 -11.30
N ASP A 97 -14.87 -12.95 -11.44
CA ASP A 97 -14.59 -14.02 -12.39
C ASP A 97 -15.01 -13.68 -13.83
N TRP A 98 -14.33 -12.71 -14.46
CA TRP A 98 -14.63 -12.25 -15.82
C TRP A 98 -14.50 -13.28 -16.93
N HIS A 99 -15.36 -13.13 -17.95
CA HIS A 99 -15.33 -13.97 -19.15
C HIS A 99 -15.37 -13.04 -20.34
N GLN A 100 -14.70 -13.46 -21.42
CA GLN A 100 -14.68 -12.67 -22.64
C GLN A 100 -16.08 -12.25 -23.01
N GLY A 101 -16.27 -10.98 -23.36
CA GLY A 101 -17.58 -10.52 -23.76
C GLY A 101 -18.34 -9.83 -22.66
N ASP A 102 -17.93 -10.07 -21.42
CA ASP A 102 -18.57 -9.43 -20.27
C ASP A 102 -18.40 -7.93 -20.47
N GLU A 103 -19.38 -7.16 -20.07
CA GLU A 103 -19.27 -5.71 -20.23
C GLU A 103 -19.35 -4.92 -18.92
N ILE A 104 -18.59 -3.83 -18.91
CA ILE A 104 -18.56 -2.92 -17.76
C ILE A 104 -19.03 -1.54 -18.24
N LEU A 105 -19.96 -0.92 -17.52
CA LEU A 105 -20.39 0.44 -17.86
C LEU A 105 -19.79 1.39 -16.79
N LEU A 106 -19.24 2.53 -17.21
CA LEU A 106 -18.67 3.52 -16.27
C LEU A 106 -19.27 4.85 -16.69
N THR A 107 -19.41 5.78 -15.76
CA THR A 107 -19.93 7.09 -16.12
C THR A 107 -18.83 7.84 -16.82
N ASP A 108 -19.20 8.95 -17.43
CA ASP A 108 -18.21 9.77 -18.11
C ASP A 108 -17.57 10.74 -17.11
N CYS A 109 -17.76 10.49 -15.81
CA CYS A 109 -17.17 11.33 -14.77
C CYS A 109 -16.25 10.55 -13.81
N GLU A 110 -15.71 9.42 -14.27
CA GLU A 110 -14.87 8.64 -13.38
C GLU A 110 -13.41 9.07 -13.42
N HIS A 111 -12.70 8.67 -12.36
CA HIS A 111 -11.30 9.03 -12.17
C HIS A 111 -10.47 8.33 -13.21
N PRO A 112 -9.49 9.03 -13.80
CA PRO A 112 -8.63 8.38 -14.81
C PRO A 112 -7.93 7.09 -14.31
N GLY A 113 -7.58 7.06 -13.02
CA GLY A 113 -6.93 5.87 -12.47
C GLY A 113 -7.83 4.66 -12.49
N ILE A 114 -9.13 4.88 -12.29
CA ILE A 114 -10.11 3.78 -12.27
C ILE A 114 -10.38 3.29 -13.69
N ILE A 115 -10.31 4.20 -14.66
CA ILE A 115 -10.49 3.85 -16.07
C ILE A 115 -9.27 2.99 -16.44
N ALA A 116 -8.11 3.35 -15.91
CA ALA A 116 -6.89 2.57 -16.19
C ALA A 116 -7.03 1.12 -15.74
N ILE A 117 -7.63 0.86 -14.59
CA ILE A 117 -7.81 -0.52 -14.16
C ILE A 117 -8.74 -1.23 -15.17
N VAL A 118 -9.86 -0.59 -15.48
CA VAL A 118 -10.81 -1.17 -16.44
C VAL A 118 -10.16 -1.59 -17.75
N GLN A 119 -9.27 -0.76 -18.29
CA GLN A 119 -8.61 -1.07 -19.56
C GLN A 119 -7.64 -2.24 -19.40
N ALA A 120 -7.00 -2.34 -18.22
CA ALA A 120 -6.11 -3.46 -17.96
C ALA A 120 -6.96 -4.73 -17.86
N ILE A 121 -8.12 -4.65 -17.22
CA ILE A 121 -8.99 -5.83 -17.11
C ILE A 121 -9.49 -6.21 -18.50
N ALA A 122 -9.94 -5.22 -19.27
CA ALA A 122 -10.43 -5.46 -20.61
C ALA A 122 -9.33 -6.23 -21.35
N ALA A 123 -8.10 -5.74 -21.28
CA ALA A 123 -6.96 -6.38 -21.93
C ALA A 123 -6.64 -7.80 -21.41
N ARG A 124 -6.85 -8.03 -20.12
CA ARG A 124 -6.53 -9.32 -19.52
C ARG A 124 -7.60 -10.40 -19.68
N PHE A 125 -8.87 -10.03 -19.50
CA PHE A 125 -9.94 -10.99 -19.58
C PHE A 125 -10.80 -10.92 -20.83
N GLY A 126 -10.49 -9.98 -21.72
CA GLY A 126 -11.29 -9.87 -22.92
C GLY A 126 -12.68 -9.33 -22.64
N ILE A 127 -12.82 -8.47 -21.63
CA ILE A 127 -14.15 -7.90 -21.37
C ILE A 127 -14.18 -6.59 -22.16
N THR A 128 -15.34 -5.96 -22.23
CA THR A 128 -15.48 -4.68 -22.94
C THR A 128 -16.05 -3.61 -21.97
N TYR A 129 -15.81 -2.33 -22.27
CA TYR A 129 -16.33 -1.27 -21.42
C TYR A 129 -16.89 -0.15 -22.29
N ARG A 130 -17.94 0.46 -21.77
CA ARG A 130 -18.64 1.54 -22.46
C ARG A 130 -19.02 2.64 -21.44
N PHE A 131 -18.88 3.90 -21.84
CA PHE A 131 -19.22 5.02 -20.95
C PHE A 131 -20.67 5.44 -21.15
N PHE A 132 -21.27 5.97 -20.08
CA PHE A 132 -22.63 6.52 -20.20
C PHE A 132 -22.51 7.91 -19.59
N PRO A 133 -23.12 8.91 -20.27
CA PRO A 133 -23.09 10.33 -19.85
C PRO A 133 -23.90 10.75 -18.60
N VAL A 134 -23.21 11.21 -17.56
CA VAL A 134 -23.93 11.65 -16.38
C VAL A 134 -23.59 13.10 -16.10
N ALA A 135 -22.45 13.53 -16.62
CA ALA A 135 -21.97 14.88 -16.41
C ALA A 135 -23.08 15.88 -16.71
N ALA A 136 -23.76 15.69 -17.83
CA ALA A 136 -24.84 16.60 -18.21
C ALA A 136 -26.11 16.47 -17.38
N THR A 137 -26.12 15.57 -16.39
CA THR A 137 -27.33 15.46 -15.56
C THR A 137 -27.29 16.27 -14.26
N LEU A 138 -26.27 17.09 -14.08
CA LEU A 138 -26.17 17.91 -12.87
C LEU A 138 -27.45 18.75 -12.61
N ASN A 139 -27.93 19.44 -13.64
CA ASN A 139 -29.11 20.29 -13.47
C ASN A 139 -30.44 19.81 -14.07
N GLN A 140 -30.39 18.73 -14.83
CA GLN A 140 -31.57 18.20 -15.48
C GLN A 140 -31.32 16.74 -15.94
N GLY A 141 -32.39 16.05 -16.26
CA GLY A 141 -32.20 14.68 -16.69
C GLY A 141 -32.11 13.79 -15.48
N ASP A 142 -31.84 12.51 -15.72
CA ASP A 142 -31.82 11.53 -14.63
C ASP A 142 -30.70 10.54 -14.92
N ALA A 143 -29.70 10.50 -14.05
CA ALA A 143 -28.58 9.58 -14.25
C ALA A 143 -29.02 8.11 -14.25
N ALA A 144 -30.01 7.75 -13.43
CA ALA A 144 -30.46 6.37 -13.42
C ALA A 144 -31.08 6.00 -14.78
N ALA A 145 -31.89 6.92 -15.32
CA ALA A 145 -32.53 6.69 -16.62
C ALA A 145 -31.46 6.53 -17.71
N VAL A 146 -30.41 7.35 -17.65
CA VAL A 146 -29.35 7.25 -18.64
C VAL A 146 -28.75 5.85 -18.56
N LEU A 147 -28.52 5.38 -17.33
CA LEU A 147 -27.96 4.05 -17.16
C LEU A 147 -28.96 3.02 -17.74
N ALA A 148 -30.24 3.20 -17.48
CA ALA A 148 -31.22 2.26 -18.05
C ALA A 148 -31.08 2.12 -19.57
N ASN A 149 -30.82 3.22 -20.27
CA ASN A 149 -30.72 3.24 -21.73
C ASN A 149 -29.40 2.68 -22.23
N HIS A 150 -28.51 2.28 -21.32
CA HIS A 150 -27.20 1.71 -21.70
C HIS A 150 -27.01 0.26 -21.23
N LEU A 151 -27.86 -0.21 -20.31
CA LEU A 151 -27.73 -1.58 -19.85
C LEU A 151 -27.96 -2.52 -21.03
N GLY A 152 -27.15 -3.57 -21.09
CA GLY A 152 -27.23 -4.54 -22.18
C GLY A 152 -27.28 -5.97 -21.68
N PRO A 153 -27.23 -6.94 -22.59
CA PRO A 153 -27.27 -8.38 -22.27
C PRO A 153 -26.03 -8.88 -21.52
N LYS A 154 -24.88 -8.31 -21.83
CA LYS A 154 -23.63 -8.74 -21.23
C LYS A 154 -23.10 -7.81 -20.12
N THR A 155 -23.93 -6.86 -19.69
CA THR A 155 -23.52 -5.92 -18.64
C THR A 155 -23.40 -6.66 -17.34
N ARG A 156 -22.21 -6.64 -16.74
CA ARG A 156 -21.99 -7.36 -15.50
C ARG A 156 -21.74 -6.43 -14.32
N LEU A 157 -21.04 -5.34 -14.57
CA LEU A 157 -20.70 -4.38 -13.51
C LEU A 157 -20.85 -2.95 -14.00
N VAL A 158 -21.28 -2.08 -13.12
CA VAL A 158 -21.41 -0.64 -13.40
C VAL A 158 -20.53 0.06 -12.36
N ILE A 159 -19.67 0.96 -12.82
CA ILE A 159 -18.80 1.70 -11.92
C ILE A 159 -19.22 3.17 -11.93
N LEU A 160 -19.45 3.74 -10.75
CA LEU A 160 -19.85 5.15 -10.64
C LEU A 160 -19.34 5.79 -9.33
N SER A 161 -19.11 7.10 -9.37
CA SER A 161 -18.69 7.83 -8.18
C SER A 161 -19.96 8.32 -7.52
N HIS A 162 -20.10 8.07 -6.24
CA HIS A 162 -21.30 8.52 -5.56
C HIS A 162 -21.42 10.05 -5.65
N LEU A 163 -20.29 10.73 -5.45
CA LEU A 163 -20.25 12.17 -5.55
C LEU A 163 -19.18 12.39 -6.63
N LEU A 164 -19.54 13.06 -7.72
CA LEU A 164 -18.60 13.25 -8.85
C LEU A 164 -17.50 14.22 -8.48
N TRP A 165 -16.24 13.80 -8.63
CA TRP A 165 -15.11 14.66 -8.27
C TRP A 165 -14.98 15.89 -9.17
N ASN A 166 -15.63 15.88 -10.34
CA ASN A 166 -15.48 16.99 -11.27
C ASN A 166 -16.58 18.01 -11.28
N THR A 167 -17.85 17.56 -11.26
CA THR A 167 -18.98 18.49 -11.27
C THR A 167 -19.64 18.70 -9.90
N GLY A 168 -19.36 17.82 -8.96
CA GLY A 168 -19.96 17.96 -7.64
C GLY A 168 -21.36 17.35 -7.52
N GLN A 169 -21.82 16.65 -8.56
CA GLN A 169 -23.12 16.00 -8.54
C GLN A 169 -23.14 14.77 -7.61
N VAL A 170 -24.22 14.63 -6.85
CA VAL A 170 -24.38 13.45 -6.01
C VAL A 170 -25.31 12.58 -6.86
N LEU A 171 -24.82 11.44 -7.37
CA LEU A 171 -25.66 10.57 -8.18
C LEU A 171 -26.74 9.91 -7.35
N PRO A 172 -27.92 9.66 -7.96
CA PRO A 172 -29.05 9.01 -7.26
C PRO A 172 -28.71 7.52 -7.10
N LEU A 173 -27.94 7.20 -6.08
CA LEU A 173 -27.49 5.83 -5.88
C LEU A 173 -28.54 4.75 -5.67
N ALA A 174 -29.49 5.00 -4.78
CA ALA A 174 -30.55 4.03 -4.50
C ALA A 174 -31.33 3.75 -5.79
N GLU A 175 -31.64 4.81 -6.53
CA GLU A 175 -32.39 4.65 -7.78
C GLU A 175 -31.54 3.87 -8.79
N ILE A 176 -30.26 4.18 -8.86
CA ILE A 176 -29.36 3.47 -9.77
C ILE A 176 -29.29 1.99 -9.36
N MET A 177 -29.22 1.73 -8.06
CA MET A 177 -29.17 0.34 -7.60
C MET A 177 -30.46 -0.37 -8.06
N ALA A 178 -31.62 0.25 -7.84
CA ALA A 178 -32.89 -0.38 -8.27
C ALA A 178 -32.87 -0.73 -9.75
N VAL A 179 -32.41 0.22 -10.56
CA VAL A 179 -32.31 0.01 -12.01
C VAL A 179 -31.47 -1.22 -12.31
N CYS A 180 -30.30 -1.31 -11.67
CA CYS A 180 -29.42 -2.45 -11.92
C CYS A 180 -30.06 -3.75 -11.42
N ARG A 181 -30.71 -3.69 -10.27
CA ARG A 181 -31.33 -4.91 -9.74
C ARG A 181 -32.54 -5.37 -10.55
N ARG A 182 -33.19 -4.43 -11.22
CA ARG A 182 -34.37 -4.77 -11.99
C ARG A 182 -34.02 -5.35 -13.33
N HIS A 183 -32.82 -5.03 -13.82
CA HIS A 183 -32.37 -5.50 -15.11
C HIS A 183 -32.19 -7.02 -15.26
N GLN A 184 -32.67 -7.55 -16.38
CA GLN A 184 -32.54 -8.97 -16.63
C GLN A 184 -31.63 -9.20 -17.84
N GLY A 185 -30.50 -9.83 -17.57
CA GLY A 185 -29.54 -10.10 -18.61
C GLY A 185 -28.78 -11.34 -18.19
N ASN A 186 -27.60 -11.54 -18.79
CA ASN A 186 -26.82 -12.71 -18.46
C ASN A 186 -26.34 -12.70 -17.03
N TYR A 187 -26.28 -11.51 -16.43
CA TYR A 187 -25.80 -11.41 -15.05
C TYR A 187 -26.60 -10.52 -14.12
N PRO A 188 -26.45 -10.76 -12.82
CA PRO A 188 -27.17 -9.92 -11.86
C PRO A 188 -26.22 -8.72 -11.93
N VAL A 189 -26.70 -7.57 -12.42
CA VAL A 189 -25.80 -6.43 -12.52
C VAL A 189 -25.38 -5.90 -11.14
N ARG A 190 -24.06 -5.84 -10.94
CA ARG A 190 -23.47 -5.36 -9.70
C ARG A 190 -22.92 -3.95 -9.88
N VAL A 191 -22.79 -3.20 -8.78
CA VAL A 191 -22.32 -1.81 -8.79
C VAL A 191 -21.13 -1.56 -7.83
N LEU A 192 -20.04 -1.05 -8.41
CA LEU A 192 -18.86 -0.68 -7.65
C LEU A 192 -18.92 0.84 -7.56
N VAL A 193 -19.00 1.32 -6.32
CA VAL A 193 -19.04 2.75 -6.03
C VAL A 193 -17.67 3.31 -5.61
N ASP A 194 -17.22 4.33 -6.32
CA ASP A 194 -15.99 5.03 -5.97
C ASP A 194 -16.50 6.13 -5.02
N GLY A 195 -16.29 5.96 -3.72
CA GLY A 195 -16.73 6.94 -2.74
C GLY A 195 -15.64 7.90 -2.25
N ALA A 196 -14.72 8.29 -3.14
CA ALA A 196 -13.64 9.21 -2.78
C ALA A 196 -14.12 10.55 -2.24
N GLN A 197 -15.22 11.06 -2.80
CA GLN A 197 -15.76 12.35 -2.35
C GLN A 197 -16.90 12.16 -1.34
N SER A 198 -17.69 11.11 -1.57
CA SER A 198 -18.86 10.84 -0.71
C SER A 198 -18.54 10.43 0.74
N ALA A 199 -17.60 9.51 0.94
CA ALA A 199 -17.31 9.06 2.31
C ALA A 199 -16.68 10.17 3.14
N GLY A 200 -17.28 10.42 4.30
CA GLY A 200 -16.79 11.47 5.18
C GLY A 200 -17.48 12.80 4.93
N SER A 201 -18.33 12.87 3.90
CA SER A 201 -19.08 14.12 3.67
C SER A 201 -20.57 13.78 3.64
N LEU A 202 -20.99 12.81 2.83
CA LEU A 202 -22.39 12.42 2.84
C LEU A 202 -22.60 11.45 4.00
N PRO A 203 -23.81 11.44 4.60
CA PRO A 203 -24.03 10.48 5.69
C PRO A 203 -24.32 9.19 4.92
N LEU A 204 -23.57 8.14 5.26
CA LEU A 204 -23.69 6.86 4.58
C LEU A 204 -24.01 5.75 5.57
N ASP A 205 -25.06 4.98 5.29
CA ASP A 205 -25.48 3.89 6.14
C ASP A 205 -25.74 2.73 5.21
N PHE A 206 -24.85 1.75 5.20
CA PHE A 206 -25.00 0.64 4.28
C PHE A 206 -26.01 -0.43 4.70
N SER A 207 -26.78 -0.15 5.75
CA SER A 207 -27.81 -1.08 6.16
C SER A 207 -29.13 -0.48 5.66
N ARG A 208 -29.15 0.84 5.45
CA ARG A 208 -30.34 1.53 4.98
C ARG A 208 -30.24 1.68 3.46
N LEU A 209 -29.03 1.99 3.01
CA LEU A 209 -28.72 2.14 1.59
C LEU A 209 -28.10 0.79 1.18
N GLU A 210 -28.75 0.08 0.26
CA GLU A 210 -28.25 -1.23 -0.20
C GLU A 210 -27.11 -1.02 -1.18
N VAL A 211 -25.94 -1.57 -0.86
CA VAL A 211 -24.76 -1.38 -1.68
C VAL A 211 -23.99 -2.68 -1.92
N ASP A 212 -23.35 -2.81 -3.09
CA ASP A 212 -22.57 -4.01 -3.39
C ASP A 212 -21.09 -3.86 -2.93
N TYR A 213 -20.37 -2.96 -3.59
CA TYR A 213 -18.94 -2.69 -3.29
C TYR A 213 -18.76 -1.17 -3.20
N TYR A 214 -18.14 -0.70 -2.13
CA TYR A 214 -17.96 0.73 -1.91
C TYR A 214 -16.54 1.02 -1.45
N ALA A 215 -15.74 1.61 -2.35
CA ALA A 215 -14.33 1.94 -2.09
C ALA A 215 -14.20 3.37 -1.59
N PHE A 216 -13.30 3.58 -0.65
CA PHE A 216 -13.12 4.90 -0.08
C PHE A 216 -11.69 5.07 0.44
N THR A 217 -11.38 6.28 0.85
CA THR A 217 -10.09 6.58 1.42
C THR A 217 -10.28 7.39 2.68
N GLY A 218 -9.26 7.40 3.53
CA GLY A 218 -9.38 8.18 4.74
C GLY A 218 -8.71 9.53 4.61
N HIS A 219 -8.00 9.77 3.51
CA HIS A 219 -7.26 11.02 3.44
C HIS A 219 -7.94 12.24 2.86
N LYS A 220 -9.20 12.13 2.44
CA LYS A 220 -9.87 13.29 1.91
C LYS A 220 -10.85 13.85 2.94
N TRP A 221 -12.14 13.64 2.74
CA TRP A 221 -13.08 14.21 3.70
C TRP A 221 -12.96 13.69 5.16
N PHE A 222 -12.41 12.50 5.38
CA PHE A 222 -12.23 11.96 6.72
C PHE A 222 -11.07 12.66 7.42
N ALA A 223 -10.22 13.34 6.64
CA ALA A 223 -9.07 14.06 7.15
C ALA A 223 -7.98 13.22 7.82
N GLY A 224 -7.79 11.99 7.35
CA GLY A 224 -6.77 11.11 7.91
C GLY A 224 -5.50 11.38 7.12
N PRO A 225 -4.39 10.76 7.46
CA PRO A 225 -3.16 11.02 6.69
C PRO A 225 -3.19 10.29 5.34
N ALA A 226 -2.40 10.76 4.37
CA ALA A 226 -2.30 10.06 3.10
C ALA A 226 -1.76 8.63 3.37
N GLY A 227 -2.34 7.64 2.70
CA GLY A 227 -1.88 6.27 2.85
C GLY A 227 -2.79 5.27 3.54
N VAL A 228 -3.99 5.67 3.92
CA VAL A 228 -4.89 4.69 4.54
C VAL A 228 -6.32 4.91 4.01
N GLY A 229 -6.97 3.83 3.58
CA GLY A 229 -8.33 3.91 3.07
C GLY A 229 -9.01 2.58 3.37
N GLY A 230 -10.08 2.26 2.65
CA GLY A 230 -10.73 0.99 2.91
C GLY A 230 -11.75 0.61 1.86
N LEU A 231 -12.27 -0.60 1.98
CA LEU A 231 -13.24 -1.07 1.03
C LEU A 231 -14.35 -1.84 1.69
N TYR A 232 -15.58 -1.50 1.34
CA TYR A 232 -16.73 -2.25 1.85
C TYR A 232 -17.23 -3.26 0.79
N ILE A 233 -17.47 -4.50 1.23
CA ILE A 233 -18.05 -5.51 0.33
C ILE A 233 -19.20 -6.17 1.10
N HIS A 234 -20.40 -6.07 0.57
CA HIS A 234 -21.58 -6.67 1.18
C HIS A 234 -21.35 -8.17 1.38
N GLY A 235 -21.83 -8.68 2.50
CA GLY A 235 -21.67 -10.09 2.79
C GLY A 235 -22.03 -11.08 1.70
N ASP A 236 -23.03 -10.77 0.88
CA ASP A 236 -23.43 -11.71 -0.16
C ASP A 236 -22.58 -11.65 -1.43
N CYS A 237 -21.72 -10.64 -1.51
CA CYS A 237 -20.86 -10.49 -2.68
C CYS A 237 -19.43 -10.92 -2.38
N LEU A 238 -19.12 -11.17 -1.12
CA LEU A 238 -17.75 -11.53 -0.76
C LEU A 238 -17.28 -12.76 -1.52
N GLY A 239 -18.16 -13.75 -1.68
CA GLY A 239 -17.80 -14.97 -2.38
C GLY A 239 -17.44 -14.80 -3.85
N GLU A 240 -17.82 -13.67 -4.43
CA GLU A 240 -17.54 -13.43 -5.84
C GLU A 240 -16.20 -12.75 -6.09
N ILE A 241 -15.61 -12.22 -5.03
CA ILE A 241 -14.34 -11.52 -5.19
C ILE A 241 -13.17 -12.39 -4.73
N ASN A 242 -12.45 -12.98 -5.68
CA ASN A 242 -11.30 -13.80 -5.37
C ASN A 242 -10.11 -12.93 -5.01
N PRO A 243 -9.39 -13.27 -3.94
CA PRO A 243 -8.22 -12.48 -3.54
C PRO A 243 -7.23 -12.49 -4.70
N THR A 244 -6.60 -11.35 -4.94
CA THR A 244 -5.62 -11.26 -6.02
C THR A 244 -4.29 -10.91 -5.36
N TYR A 245 -4.06 -9.64 -5.06
CA TYR A 245 -2.80 -9.35 -4.38
C TYR A 245 -2.96 -9.84 -2.95
N VAL A 246 -2.14 -10.80 -2.54
CA VAL A 246 -2.26 -11.30 -1.17
C VAL A 246 -0.87 -11.45 -0.56
N GLY A 247 -0.84 -11.80 0.72
CA GLY A 247 0.44 -11.95 1.40
C GLY A 247 0.15 -12.54 2.76
N TRP A 248 1.08 -12.38 3.71
CA TRP A 248 0.92 -12.98 5.03
C TRP A 248 -0.30 -12.48 5.82
N ARG A 249 -0.82 -11.31 5.48
CA ARG A 249 -2.03 -10.84 6.19
C ARG A 249 -3.31 -11.42 5.59
N SER A 250 -3.20 -12.12 4.46
CA SER A 250 -4.41 -12.62 3.79
C SER A 250 -4.93 -14.00 4.20
N ILE A 251 -4.08 -14.75 4.88
CA ILE A 251 -4.33 -16.14 5.21
C ILE A 251 -4.47 -16.61 6.65
N THR A 252 -4.92 -17.86 6.80
CA THR A 252 -5.02 -18.51 8.10
C THR A 252 -3.82 -19.43 8.03
N TYR A 253 -3.32 -19.85 9.20
CA TYR A 253 -2.11 -20.66 9.22
C TYR A 253 -2.22 -22.06 9.81
N GLY A 254 -1.37 -22.96 9.31
CA GLY A 254 -1.35 -24.34 9.78
C GLY A 254 -0.36 -24.48 10.93
N ALA A 255 -0.34 -25.67 11.51
CA ALA A 255 0.53 -25.97 12.64
C ALA A 255 2.00 -25.70 12.33
N LYS A 256 2.39 -25.81 11.06
CA LYS A 256 3.79 -25.58 10.71
C LYS A 256 4.05 -24.19 10.10
N GLY A 257 3.09 -23.29 10.29
CA GLY A 257 3.23 -21.94 9.75
C GLY A 257 2.86 -21.83 8.28
N GLU A 258 2.31 -22.89 7.70
CA GLU A 258 1.93 -22.92 6.30
C GLU A 258 0.53 -22.33 6.09
N PRO A 259 0.25 -21.77 4.90
CA PRO A 259 -1.06 -21.19 4.59
C PRO A 259 -2.11 -22.29 4.54
N THR A 260 -3.26 -22.08 5.18
CA THR A 260 -4.33 -23.08 5.18
C THR A 260 -5.65 -22.56 4.64
N GLY A 261 -5.71 -21.28 4.30
CA GLY A 261 -6.95 -20.76 3.77
C GLY A 261 -6.93 -19.25 3.73
N TRP A 262 -8.06 -18.63 3.46
CA TRP A 262 -8.14 -17.16 3.43
C TRP A 262 -8.60 -16.69 4.80
N ALA A 263 -8.03 -15.58 5.26
CA ALA A 263 -8.42 -14.99 6.55
C ALA A 263 -9.89 -14.61 6.47
N GLU A 264 -10.50 -14.38 7.62
CA GLU A 264 -11.93 -14.06 7.73
C GLU A 264 -12.33 -12.71 7.12
N GLY A 265 -13.53 -12.65 6.55
CA GLY A 265 -14.02 -11.41 5.97
C GLY A 265 -13.05 -10.63 5.10
N GLY A 266 -13.02 -9.31 5.31
CA GLY A 266 -12.20 -8.44 4.50
C GLY A 266 -10.69 -8.63 4.59
N LYS A 267 -10.22 -9.33 5.61
CA LYS A 267 -8.78 -9.54 5.81
C LYS A 267 -8.12 -10.29 4.68
N ARG A 268 -8.91 -11.07 3.92
CA ARG A 268 -8.36 -11.85 2.81
C ARG A 268 -7.78 -10.95 1.71
N PHE A 269 -8.16 -9.69 1.74
CA PHE A 269 -7.68 -8.74 0.72
C PHE A 269 -6.57 -7.82 1.22
N GLU A 270 -6.09 -8.06 2.44
CA GLU A 270 -5.02 -7.25 3.04
C GLU A 270 -3.74 -8.03 2.79
N VAL A 271 -2.71 -7.32 2.39
CA VAL A 271 -1.47 -7.97 1.97
C VAL A 271 -0.34 -8.22 2.95
N ALA A 272 0.38 -7.17 3.30
CA ALA A 272 1.54 -7.35 4.17
C ALA A 272 1.86 -6.12 4.99
N THR A 273 3.13 -5.84 5.29
CA THR A 273 3.46 -4.68 6.15
C THR A 273 2.91 -3.35 5.61
N SER A 274 2.27 -2.60 6.50
CA SER A 274 1.69 -1.30 6.15
C SER A 274 2.12 -0.23 7.14
N ALA A 275 1.72 1.00 6.83
CA ALA A 275 2.04 2.20 7.61
C ALA A 275 1.12 2.23 8.86
N TYR A 276 1.41 1.35 9.83
CA TYR A 276 0.61 1.23 11.04
C TYR A 276 0.45 2.54 11.81
N PRO A 277 1.51 3.35 11.94
CA PRO A 277 1.21 4.58 12.70
C PRO A 277 0.13 5.43 11.98
N GLN A 278 0.09 5.37 10.66
CA GLN A 278 -0.89 6.13 9.91
C GLN A 278 -2.31 5.59 10.17
N TYR A 279 -2.41 4.29 10.49
CA TYR A 279 -3.72 3.72 10.82
C TYR A 279 -4.23 4.41 12.10
N ALA A 280 -3.36 4.59 13.09
CA ALA A 280 -3.78 5.23 14.33
C ALA A 280 -4.22 6.68 14.02
N GLY A 281 -3.62 7.26 12.99
CA GLY A 281 -3.94 8.61 12.59
C GLY A 281 -5.35 8.66 12.04
N LEU A 282 -5.69 7.72 11.16
CA LEU A 282 -7.04 7.69 10.59
C LEU A 282 -8.04 7.45 11.73
N LEU A 283 -7.73 6.50 12.61
CA LEU A 283 -8.62 6.20 13.76
C LEU A 283 -8.93 7.47 14.56
N ALA A 284 -7.89 8.23 14.92
CA ALA A 284 -8.12 9.46 15.71
C ALA A 284 -8.97 10.49 14.93
N ALA A 285 -8.74 10.61 13.62
CA ALA A 285 -9.53 11.55 12.81
C ALA A 285 -11.00 11.08 12.77
N LEU A 286 -11.22 9.79 12.57
CA LEU A 286 -12.58 9.25 12.55
C LEU A 286 -13.29 9.60 13.87
N GLN A 287 -12.63 9.34 15.00
CA GLN A 287 -13.20 9.65 16.31
C GLN A 287 -13.44 11.14 16.50
N LEU A 288 -12.56 11.99 15.99
CA LEU A 288 -12.75 13.42 16.14
C LEU A 288 -14.05 13.88 15.47
N HIS A 289 -14.34 13.38 14.28
CA HIS A 289 -15.56 13.82 13.60
C HIS A 289 -16.82 13.49 14.36
N GLN A 290 -16.85 12.29 14.93
CA GLN A 290 -18.02 11.87 15.69
C GLN A 290 -18.22 12.76 16.92
N ARG A 291 -17.13 13.27 17.48
CA ARG A 291 -17.23 14.16 18.63
C ARG A 291 -17.78 15.55 18.23
N GLN A 292 -17.68 15.89 16.95
CA GLN A 292 -18.17 17.19 16.49
C GLN A 292 -19.67 17.19 16.26
N GLY A 293 -20.20 16.02 15.93
CA GLY A 293 -21.62 15.90 15.67
C GLY A 293 -21.90 14.68 14.83
N THR A 294 -23.16 14.38 14.59
CA THR A 294 -23.48 13.22 13.78
C THR A 294 -23.16 13.48 12.30
N ALA A 295 -23.10 12.41 11.52
CA ALA A 295 -22.81 12.54 10.10
C ALA A 295 -23.81 13.47 9.45
N GLU A 296 -25.07 13.39 9.88
CA GLU A 296 -26.10 14.23 9.30
C GLU A 296 -25.89 15.71 9.61
N GLU A 297 -25.51 16.03 10.85
CA GLU A 297 -25.26 17.41 11.25
C GLU A 297 -24.05 17.99 10.48
N ARG A 298 -23.03 17.17 10.33
CA ARG A 298 -21.85 17.62 9.61
C ARG A 298 -22.18 17.86 8.13
N TYR A 299 -22.98 16.96 7.55
CA TYR A 299 -23.42 17.11 6.16
C TYR A 299 -24.21 18.42 5.96
N GLN A 300 -25.11 18.73 6.91
CA GLN A 300 -25.90 19.95 6.81
C GLN A 300 -25.02 21.19 6.92
N ALA A 301 -24.01 21.10 7.78
CA ALA A 301 -23.07 22.20 7.95
C ALA A 301 -22.25 22.35 6.65
N ILE A 302 -21.83 21.22 6.06
CA ILE A 302 -21.05 21.26 4.80
C ILE A 302 -21.87 21.96 3.73
N CYS A 303 -23.15 21.59 3.60
CA CYS A 303 -24.04 22.18 2.61
C CYS A 303 -24.32 23.66 2.87
N GLN A 304 -24.44 24.04 4.14
CA GLN A 304 -24.65 25.44 4.52
C GLN A 304 -23.49 26.23 3.95
N ARG A 305 -22.28 25.69 4.12
CA ARG A 305 -21.10 26.37 3.61
C ARG A 305 -21.09 26.36 2.08
N SER A 306 -21.25 25.20 1.47
CA SER A 306 -21.24 25.17 0.01
C SER A 306 -22.32 26.08 -0.60
N GLU A 307 -23.51 26.15 -0.01
CA GLU A 307 -24.52 27.01 -0.60
C GLU A 307 -24.16 28.49 -0.46
N PHE A 308 -23.53 28.85 0.66
CA PHE A 308 -23.14 30.22 0.91
C PHE A 308 -22.09 30.62 -0.14
N LEU A 309 -21.20 29.68 -0.43
CA LEU A 309 -20.15 29.91 -1.40
C LEU A 309 -20.78 30.01 -2.79
N TRP A 310 -21.64 29.05 -3.09
CA TRP A 310 -22.33 28.97 -4.40
C TRP A 310 -23.07 30.26 -4.68
N ARG A 311 -23.78 30.74 -3.65
CA ARG A 311 -24.54 31.97 -3.73
C ARG A 311 -23.62 33.16 -4.05
N GLY A 312 -22.51 33.25 -3.34
CA GLY A 312 -21.56 34.32 -3.59
C GLY A 312 -21.03 34.27 -5.01
N LEU A 313 -20.71 33.08 -5.50
CA LEU A 313 -20.21 32.96 -6.87
C LEU A 313 -21.30 33.38 -7.87
N ASN A 314 -22.57 33.08 -7.58
CA ASN A 314 -23.61 33.48 -8.51
C ASN A 314 -23.64 35.01 -8.66
N GLN A 315 -23.25 35.74 -7.61
CA GLN A 315 -23.29 37.21 -7.65
C GLN A 315 -22.16 37.84 -8.46
N LEU A 316 -21.08 37.11 -8.65
CA LEU A 316 -19.95 37.63 -9.42
C LEU A 316 -20.32 37.54 -10.89
N PRO A 317 -20.19 38.64 -11.63
CA PRO A 317 -20.52 38.65 -13.06
C PRO A 317 -19.73 37.73 -13.97
N HIS A 318 -18.46 37.51 -13.65
CA HIS A 318 -17.63 36.70 -14.54
C HIS A 318 -17.35 35.27 -14.12
N VAL A 319 -18.06 34.82 -13.09
CA VAL A 319 -17.94 33.45 -12.57
C VAL A 319 -19.25 32.73 -12.92
N HIS A 320 -19.16 31.48 -13.34
CA HIS A 320 -20.37 30.74 -13.67
C HIS A 320 -20.34 29.35 -13.05
N CYS A 321 -21.17 29.16 -12.04
CA CYS A 321 -21.23 27.88 -11.35
C CYS A 321 -21.83 26.85 -12.29
N LEU A 322 -21.27 25.64 -12.28
CA LEU A 322 -21.83 24.59 -13.12
C LEU A 322 -23.24 24.24 -12.62
N ALA A 323 -23.45 24.21 -11.30
CA ALA A 323 -24.76 23.86 -10.74
C ALA A 323 -25.71 25.05 -10.76
N THR A 324 -26.94 24.84 -11.21
CA THR A 324 -27.87 25.95 -11.23
C THR A 324 -28.81 25.92 -10.00
N SER A 325 -28.69 24.88 -9.19
CA SER A 325 -29.44 24.82 -7.94
C SER A 325 -28.35 24.59 -6.89
N ALA A 326 -28.67 24.77 -5.62
CA ALA A 326 -27.66 24.62 -4.57
C ALA A 326 -26.89 23.29 -4.62
N PRO A 327 -25.60 23.31 -4.29
CA PRO A 327 -24.82 22.06 -4.31
C PRO A 327 -25.44 21.03 -3.35
N GLN A 328 -25.35 19.76 -3.73
CA GLN A 328 -25.89 18.67 -2.90
C GLN A 328 -24.85 18.17 -1.92
N ALA A 329 -23.64 18.73 -2.01
CA ALA A 329 -22.60 18.32 -1.09
C ALA A 329 -21.56 19.44 -0.95
N GLY A 330 -20.33 19.10 -0.62
CA GLY A 330 -19.33 20.13 -0.42
C GLY A 330 -18.61 20.68 -1.62
N LEU A 331 -18.80 20.08 -2.79
CA LEU A 331 -18.13 20.48 -4.01
C LEU A 331 -18.86 21.53 -4.81
N VAL A 332 -18.13 22.57 -5.19
CA VAL A 332 -18.68 23.65 -6.00
C VAL A 332 -17.73 23.92 -7.16
N SER A 333 -18.13 23.54 -8.37
CA SER A 333 -17.28 23.79 -9.54
C SER A 333 -17.81 24.97 -10.31
N PHE A 334 -16.92 25.66 -10.99
CA PHE A 334 -17.32 26.83 -11.73
C PHE A 334 -16.30 27.21 -12.75
N THR A 335 -16.72 28.00 -13.74
CA THR A 335 -15.78 28.48 -14.73
C THR A 335 -15.64 29.98 -14.52
N VAL A 336 -14.59 30.55 -15.09
CA VAL A 336 -14.28 31.96 -14.99
C VAL A 336 -14.08 32.53 -16.40
N ASP A 337 -14.82 33.58 -16.71
CA ASP A 337 -14.72 34.22 -18.01
C ASP A 337 -13.50 35.13 -17.95
N SER A 338 -12.39 34.65 -18.45
CA SER A 338 -11.15 35.42 -18.42
C SER A 338 -10.18 34.89 -19.45
N PRO A 339 -9.29 35.76 -19.95
CA PRO A 339 -8.32 35.31 -20.95
C PRO A 339 -7.26 34.40 -20.32
N LEU A 340 -7.15 34.43 -18.99
CA LEU A 340 -6.14 33.63 -18.30
C LEU A 340 -6.18 32.11 -18.39
N GLY A 341 -7.37 31.51 -18.28
CA GLY A 341 -7.42 30.04 -18.30
C GLY A 341 -7.48 29.56 -16.86
N HIS A 342 -8.24 28.51 -16.58
CA HIS A 342 -8.37 28.03 -15.22
C HIS A 342 -7.11 27.59 -14.52
N ARG A 343 -6.18 26.99 -15.23
CA ARG A 343 -4.95 26.57 -14.58
C ARG A 343 -4.17 27.80 -14.06
N ALA A 344 -4.05 28.83 -14.89
CA ALA A 344 -3.32 30.01 -14.48
C ALA A 344 -4.03 30.68 -13.32
N ILE A 345 -5.37 30.65 -13.33
CA ILE A 345 -6.12 31.28 -12.23
C ILE A 345 -5.90 30.52 -10.89
N VAL A 346 -5.99 29.19 -10.93
CA VAL A 346 -5.74 28.39 -9.73
C VAL A 346 -4.31 28.69 -9.22
N GLN A 347 -3.32 28.82 -10.11
CA GLN A 347 -1.96 29.12 -9.66
C GLN A 347 -1.88 30.52 -9.00
N LYS A 348 -2.51 31.54 -9.59
CA LYS A 348 -2.52 32.89 -9.01
C LYS A 348 -3.18 32.84 -7.63
N LEU A 349 -4.28 32.08 -7.52
CA LEU A 349 -4.96 31.92 -6.22
C LEU A 349 -4.00 31.24 -5.22
N GLU A 350 -3.29 30.20 -5.63
CA GLU A 350 -2.37 29.57 -4.68
C GLU A 350 -1.26 30.54 -4.23
N GLU A 351 -0.85 31.44 -5.13
CA GLU A 351 0.19 32.44 -4.81
C GLU A 351 -0.30 33.31 -3.64
N GLN A 352 -1.62 33.39 -3.50
CA GLN A 352 -2.25 34.15 -2.42
C GLN A 352 -2.71 33.25 -1.29
N ARG A 353 -2.20 32.02 -1.28
CA ARG A 353 -2.56 31.02 -0.28
C ARG A 353 -4.06 30.67 -0.19
N ILE A 354 -4.68 30.64 -1.36
CA ILE A 354 -6.06 30.28 -1.54
C ILE A 354 -5.93 29.02 -2.41
N TYR A 355 -6.40 27.90 -1.89
CA TYR A 355 -6.24 26.59 -2.51
C TYR A 355 -7.47 25.91 -3.09
N LEU A 356 -7.51 25.88 -4.44
CA LEU A 356 -8.56 25.25 -5.19
C LEU A 356 -7.93 24.28 -6.14
N ARG A 357 -8.76 23.63 -6.96
CA ARG A 357 -8.30 22.61 -7.90
C ARG A 357 -8.77 22.82 -9.34
N THR A 358 -7.87 22.65 -10.31
CA THR A 358 -8.24 22.77 -11.71
C THR A 358 -8.83 21.41 -12.10
N ILE A 359 -9.96 21.44 -12.80
CA ILE A 359 -10.61 20.22 -13.25
C ILE A 359 -10.39 20.12 -14.77
N ALA A 360 -9.92 18.95 -15.22
CA ALA A 360 -9.63 18.76 -16.65
C ALA A 360 -10.87 18.62 -17.52
N ASP A 361 -11.85 17.88 -17.03
CA ASP A 361 -13.06 17.68 -17.79
C ASP A 361 -14.28 17.55 -16.90
N PRO A 362 -15.21 18.50 -17.02
CA PRO A 362 -15.14 19.66 -17.92
C PRO A 362 -14.05 20.60 -17.40
N ASP A 363 -13.59 21.52 -18.26
CA ASP A 363 -12.55 22.49 -17.95
C ASP A 363 -13.15 23.51 -16.99
N CYS A 364 -12.85 23.34 -15.71
CA CYS A 364 -13.38 24.24 -14.72
C CYS A 364 -12.51 24.26 -13.45
N ILE A 365 -12.94 25.01 -12.45
CA ILE A 365 -12.25 25.09 -11.16
C ILE A 365 -13.20 24.52 -10.10
N ARG A 366 -12.64 23.80 -9.14
CA ARG A 366 -13.43 23.19 -8.07
C ARG A 366 -12.98 23.65 -6.71
N ALA A 367 -13.95 24.02 -5.87
CA ALA A 367 -13.70 24.40 -4.49
C ALA A 367 -14.42 23.38 -3.62
N CYS A 368 -13.83 23.03 -2.48
CA CYS A 368 -14.41 22.10 -1.54
C CYS A 368 -14.62 22.81 -0.18
N CYS A 369 -15.86 22.78 0.31
CA CYS A 369 -16.18 23.36 1.62
C CYS A 369 -16.47 22.24 2.59
N HIS A 370 -15.82 22.26 3.73
CA HIS A 370 -16.04 21.24 4.74
C HIS A 370 -16.80 21.88 5.88
N TYR A 371 -17.14 21.11 6.91
CA TYR A 371 -17.88 21.70 8.01
C TYR A 371 -16.99 22.67 8.81
N ILE A 372 -15.67 22.54 8.65
CA ILE A 372 -14.74 23.41 9.33
C ILE A 372 -14.42 24.67 8.51
N THR A 373 -14.99 24.78 7.32
CA THR A 373 -14.76 25.96 6.49
C THR A 373 -15.64 27.07 7.09
N ASP A 374 -15.19 28.32 7.10
CA ASP A 374 -16.04 29.40 7.64
C ASP A 374 -16.32 30.46 6.62
N GLU A 375 -17.20 31.40 6.99
CA GLU A 375 -17.56 32.47 6.08
C GLU A 375 -16.46 33.42 5.68
N GLU A 376 -15.55 33.73 6.60
CA GLU A 376 -14.47 34.64 6.24
C GLU A 376 -13.63 34.05 5.12
N GLU A 377 -13.37 32.74 5.18
CA GLU A 377 -12.60 32.07 4.13
C GLU A 377 -13.33 32.16 2.79
N ILE A 378 -14.64 31.91 2.79
CA ILE A 378 -15.41 31.98 1.56
C ILE A 378 -15.41 33.39 0.99
N ASN A 379 -15.66 34.37 1.84
CA ASN A 379 -15.67 35.76 1.39
C ASN A 379 -14.31 36.20 0.85
N HIS A 380 -13.23 35.68 1.43
CA HIS A 380 -11.90 36.02 0.94
C HIS A 380 -11.65 35.44 -0.45
N LEU A 381 -12.14 34.23 -0.66
CA LEU A 381 -12.04 33.57 -1.94
C LEU A 381 -12.85 34.42 -2.94
N LEU A 382 -14.06 34.80 -2.55
CA LEU A 382 -14.92 35.61 -3.41
C LEU A 382 -14.26 36.90 -3.78
N ALA A 383 -13.63 37.54 -2.79
CA ALA A 383 -12.95 38.81 -2.98
C ALA A 383 -11.87 38.67 -4.04
N ARG A 384 -11.05 37.63 -3.91
CA ARG A 384 -9.98 37.40 -4.88
C ARG A 384 -10.48 37.02 -6.30
N LEU A 385 -11.58 36.26 -6.40
CA LEU A 385 -12.09 35.88 -7.72
C LEU A 385 -12.67 37.08 -8.50
N ALA A 386 -13.18 38.07 -7.77
CA ALA A 386 -13.78 39.25 -8.39
C ALA A 386 -12.83 39.96 -9.35
N ASP A 387 -11.53 39.73 -9.18
CA ASP A 387 -10.56 40.41 -10.02
C ASP A 387 -10.49 39.93 -11.46
N PHE A 388 -10.79 38.67 -11.70
CA PHE A 388 -10.75 38.09 -13.03
C PHE A 388 -11.97 38.48 -13.87
N GLY A 389 -11.75 38.85 -15.13
CA GLY A 389 -12.82 39.26 -16.02
C GLY A 389 -12.46 39.20 -17.50
N PRO A 390 -13.45 39.19 -18.40
CA PRO A 390 -13.20 39.13 -19.83
C PRO A 390 -12.63 40.44 -20.36
N GLN B 10 22.31 7.53 17.22
CA GLN B 10 21.35 7.63 16.08
C GLN B 10 20.21 6.62 16.11
N PHE B 11 20.38 5.53 16.86
CA PHE B 11 19.34 4.50 16.95
C PHE B 11 18.92 4.40 18.39
N PRO B 12 18.14 5.38 18.85
CA PRO B 12 17.60 5.54 20.21
C PRO B 12 16.98 4.25 20.74
N GLY B 13 16.20 3.59 19.90
CA GLY B 13 15.55 2.35 20.34
C GLY B 13 16.47 1.27 20.90
N LEU B 14 17.76 1.30 20.58
CA LEU B 14 18.69 0.27 21.10
C LEU B 14 18.92 0.33 22.61
N ALA B 15 18.79 1.52 23.19
CA ALA B 15 19.00 1.70 24.63
C ALA B 15 17.90 1.08 25.47
N ASN B 16 18.29 0.40 26.54
CA ASN B 16 17.32 -0.23 27.43
C ASN B 16 16.62 -1.49 26.92
N LYS B 17 17.11 -2.02 25.81
CA LYS B 17 16.60 -3.29 25.33
C LYS B 17 17.77 -3.99 24.69
N THR B 18 17.62 -5.28 24.39
CA THR B 18 18.68 -6.10 23.76
C THR B 18 17.99 -6.71 22.54
N TYR B 19 18.06 -5.95 21.45
CA TYR B 19 17.39 -6.23 20.19
C TYR B 19 18.11 -7.05 19.14
N PHE B 20 17.52 -8.18 18.79
CA PHE B 20 18.05 -9.05 17.74
C PHE B 20 16.95 -9.38 16.73
N ASN B 21 16.04 -8.43 16.50
CA ASN B 21 14.91 -8.63 15.58
C ASN B 21 14.88 -7.74 14.33
N PHE B 22 16.07 -7.35 13.87
CA PHE B 22 16.20 -6.50 12.69
C PHE B 22 15.60 -7.16 11.46
N GLY B 23 15.55 -8.49 11.45
CA GLY B 23 14.98 -9.22 10.32
C GLY B 23 13.44 -9.21 10.36
N GLY B 24 12.88 -8.77 11.49
CA GLY B 24 11.44 -8.64 11.67
C GLY B 24 11.15 -7.18 11.27
N GLN B 25 11.76 -6.24 11.99
CA GLN B 25 11.70 -4.80 11.66
C GLN B 25 12.93 -4.13 12.26
N GLY B 26 13.49 -3.20 11.51
CA GLY B 26 14.69 -2.54 11.99
C GLY B 26 14.35 -1.42 12.95
N ILE B 27 15.32 -1.06 13.80
CA ILE B 27 15.12 0.07 14.72
C ILE B 27 15.16 1.34 13.88
N LEU B 28 14.15 2.20 13.98
CA LEU B 28 14.10 3.41 13.17
C LEU B 28 15.10 4.47 13.67
N PRO B 29 16.04 4.93 12.81
CA PRO B 29 16.99 5.95 13.28
C PRO B 29 16.33 7.31 13.49
N THR B 30 16.90 8.12 14.37
CA THR B 30 16.35 9.44 14.65
C THR B 30 16.18 10.28 13.40
N VAL B 31 17.17 10.26 12.49
CA VAL B 31 17.06 11.04 11.25
C VAL B 31 15.81 10.70 10.44
N ALA B 32 15.40 9.44 10.50
CA ALA B 32 14.23 8.96 9.76
C ALA B 32 12.96 9.51 10.41
N LEU B 33 12.86 9.41 11.73
CA LEU B 33 11.67 9.94 12.41
C LEU B 33 11.59 11.46 12.15
N GLU B 34 12.73 12.15 12.25
CA GLU B 34 12.75 13.59 12.00
C GLU B 34 12.21 13.94 10.62
N ALA B 35 12.65 13.19 9.60
CA ALA B 35 12.22 13.43 8.23
C ALA B 35 10.70 13.18 8.05
N ILE B 36 10.20 12.14 8.69
CA ILE B 36 8.78 11.81 8.62
C ILE B 36 7.99 13.00 9.20
N THR B 37 8.36 13.40 10.42
CA THR B 37 7.73 14.54 11.11
C THR B 37 7.82 15.82 10.28
N ALA B 38 8.99 16.07 9.68
CA ALA B 38 9.18 17.27 8.88
C ALA B 38 8.27 17.27 7.65
N MET B 39 8.10 16.10 7.04
CA MET B 39 7.27 16.00 5.86
C MET B 39 5.82 16.34 6.20
N TYR B 40 5.31 15.86 7.35
CA TYR B 40 3.91 16.21 7.75
C TYR B 40 3.83 17.73 7.92
N GLY B 41 4.88 18.32 8.48
CA GLY B 41 4.91 19.76 8.66
C GLY B 41 4.90 20.49 7.33
N TYR B 42 5.65 20.00 6.37
CA TYR B 42 5.67 20.66 5.07
C TYR B 42 4.27 20.62 4.42
N LEU B 43 3.59 19.48 4.51
CA LEU B 43 2.26 19.34 3.93
C LEU B 43 1.26 20.23 4.67
N GLN B 44 1.35 20.31 5.99
CA GLN B 44 0.42 21.16 6.71
C GLN B 44 0.63 22.62 6.24
N GLU B 45 1.89 23.09 6.26
CA GLU B 45 2.19 24.46 5.87
C GLU B 45 1.86 24.88 4.43
N ASN B 46 2.10 23.99 3.48
CA ASN B 46 1.92 24.28 2.07
C ASN B 46 0.74 23.65 1.31
N GLY B 47 -0.06 22.81 1.97
CA GLY B 47 -1.16 22.15 1.29
C GLY B 47 -2.20 21.70 2.31
N PRO B 48 -2.37 20.38 2.52
CA PRO B 48 -1.68 19.23 1.93
C PRO B 48 -1.89 18.90 0.47
N PHE B 49 -2.95 19.42 -0.15
CA PHE B 49 -3.14 19.20 -1.58
C PHE B 49 -3.02 20.58 -2.24
N SER B 50 -1.98 20.78 -3.05
CA SER B 50 -1.73 22.06 -3.73
C SER B 50 -0.66 21.86 -4.83
N ILE B 51 -0.42 22.89 -5.63
CA ILE B 51 0.61 22.82 -6.66
C ILE B 51 1.96 22.61 -5.96
N ALA B 52 2.24 23.38 -4.91
CA ALA B 52 3.49 23.29 -4.15
C ALA B 52 3.65 21.94 -3.47
N ALA B 53 2.61 21.49 -2.75
CA ALA B 53 2.67 20.21 -2.06
C ALA B 53 2.81 19.03 -3.02
N ASN B 54 1.99 19.00 -4.08
CA ASN B 54 2.05 17.89 -5.01
C ASN B 54 3.43 17.82 -5.67
N GLN B 55 3.99 18.97 -5.97
CA GLN B 55 5.33 19.01 -6.57
C GLN B 55 6.37 18.46 -5.61
N HIS B 56 6.27 18.85 -4.35
CA HIS B 56 7.22 18.44 -3.31
C HIS B 56 7.13 16.92 -3.13
N ILE B 57 5.91 16.39 -3.19
CA ILE B 57 5.74 14.95 -3.05
C ILE B 57 6.40 14.23 -4.23
N GLN B 58 6.18 14.74 -5.44
CA GLN B 58 6.76 14.10 -6.61
C GLN B 58 8.28 14.17 -6.57
N GLN B 59 8.82 15.26 -6.07
CA GLN B 59 10.28 15.42 -5.96
C GLN B 59 10.83 14.45 -4.92
N LEU B 60 10.06 14.25 -3.85
CA LEU B 60 10.50 13.31 -2.82
C LEU B 60 10.48 11.87 -3.36
N ILE B 61 9.46 11.51 -4.14
CA ILE B 61 9.35 10.16 -4.69
C ILE B 61 10.56 9.93 -5.60
N ALA B 62 10.88 10.92 -6.42
CA ALA B 62 12.01 10.82 -7.34
C ALA B 62 13.32 10.64 -6.57
N GLN B 63 13.47 11.36 -5.47
CA GLN B 63 14.69 11.28 -4.64
C GLN B 63 14.78 9.92 -4.03
N LEU B 64 13.67 9.37 -3.58
CA LEU B 64 13.72 8.03 -3.00
C LEU B 64 13.99 6.96 -4.09
N ARG B 65 13.41 7.13 -5.28
CA ARG B 65 13.62 6.14 -6.34
C ARG B 65 15.11 6.16 -6.67
N GLN B 66 15.64 7.37 -6.79
CA GLN B 66 17.06 7.51 -7.14
C GLN B 66 17.95 6.90 -6.08
N ALA B 67 17.62 7.10 -4.80
CA ALA B 67 18.46 6.56 -3.73
C ALA B 67 18.49 5.04 -3.77
N LEU B 68 17.33 4.44 -4.08
CA LEU B 68 17.24 2.99 -4.17
C LEU B 68 18.03 2.49 -5.39
N ALA B 69 18.01 3.25 -6.49
CA ALA B 69 18.73 2.84 -7.69
C ALA B 69 20.22 2.82 -7.36
N GLU B 70 20.74 3.87 -6.70
CA GLU B 70 22.15 3.94 -6.33
C GLU B 70 22.53 2.83 -5.36
N THR B 71 21.60 2.48 -4.47
CA THR B 71 21.84 1.42 -3.52
C THR B 71 22.19 0.12 -4.23
N PHE B 72 21.48 -0.18 -5.32
CA PHE B 72 21.74 -1.43 -6.04
C PHE B 72 22.55 -1.26 -7.33
N ASN B 73 23.04 -0.05 -7.57
CA ASN B 73 23.81 0.28 -8.76
C ASN B 73 23.04 0.05 -10.05
N VAL B 74 21.80 0.54 -10.14
CA VAL B 74 21.00 0.37 -11.36
C VAL B 74 20.33 1.70 -11.75
N ASP B 75 19.74 1.72 -12.94
CA ASP B 75 19.05 2.92 -13.43
C ASP B 75 17.72 3.04 -12.68
N PRO B 76 17.27 4.27 -12.36
CA PRO B 76 16.01 4.52 -11.65
C PRO B 76 14.79 3.94 -12.36
N ASN B 77 14.85 3.80 -13.69
CA ASN B 77 13.71 3.23 -14.40
C ASN B 77 13.44 1.75 -14.06
N THR B 78 14.37 1.09 -13.37
CA THR B 78 14.17 -0.30 -13.00
C THR B 78 13.57 -0.46 -11.60
N ILE B 79 13.34 0.65 -10.92
CA ILE B 79 12.83 0.61 -9.55
C ILE B 79 11.38 1.02 -9.40
N THR B 80 10.63 0.19 -8.70
CA THR B 80 9.24 0.48 -8.40
C THR B 80 9.14 0.65 -6.87
N ILE B 81 8.43 1.68 -6.42
CA ILE B 81 8.25 1.88 -4.98
C ILE B 81 6.98 1.19 -4.57
N THR B 82 7.06 0.38 -3.54
CA THR B 82 5.91 -0.37 -3.04
C THR B 82 5.84 -0.12 -1.51
N ASP B 83 4.93 -0.82 -0.85
CA ASP B 83 4.77 -0.71 0.60
C ASP B 83 5.56 -1.75 1.37
N ASN B 84 5.88 -2.86 0.71
CA ASN B 84 6.55 -3.95 1.41
C ASN B 84 7.15 -4.98 0.42
N VAL B 85 7.78 -6.02 0.95
CA VAL B 85 8.41 -7.05 0.08
C VAL B 85 7.35 -7.76 -0.74
N THR B 86 6.32 -8.24 -0.05
CA THR B 86 5.28 -9.01 -0.70
C THR B 86 4.71 -8.37 -1.94
N THR B 87 4.38 -7.09 -1.87
CA THR B 87 3.80 -6.41 -3.03
C THR B 87 4.69 -6.56 -4.26
N GLY B 88 6.00 -6.48 -4.08
CA GLY B 88 6.87 -6.66 -5.24
C GLY B 88 6.64 -8.02 -5.86
N CYS B 89 6.49 -9.02 -5.00
CA CYS B 89 6.25 -10.38 -5.45
C CYS B 89 4.90 -10.44 -6.16
N ASP B 90 3.90 -9.77 -5.62
CA ASP B 90 2.58 -9.79 -6.26
C ASP B 90 2.63 -9.18 -7.67
N ILE B 91 3.39 -8.09 -7.81
CA ILE B 91 3.53 -7.39 -9.08
C ILE B 91 4.11 -8.34 -10.13
N VAL B 92 5.22 -8.97 -9.79
CA VAL B 92 5.85 -9.90 -10.73
C VAL B 92 4.99 -11.10 -11.06
N LEU B 93 4.50 -11.77 -10.02
CA LEU B 93 3.68 -12.97 -10.19
C LEU B 93 2.39 -12.74 -10.99
N TRP B 94 1.60 -11.73 -10.61
CA TRP B 94 0.35 -11.47 -11.31
C TRP B 94 0.52 -10.82 -12.69
N GLY B 95 1.69 -10.23 -12.91
CA GLY B 95 1.98 -9.56 -14.17
C GLY B 95 2.32 -10.53 -15.29
N LEU B 96 2.90 -11.67 -14.94
CA LEU B 96 3.27 -12.66 -15.96
C LEU B 96 2.07 -13.27 -16.68
N ASP B 97 2.24 -13.50 -17.97
CA ASP B 97 1.18 -14.08 -18.80
C ASP B 97 1.15 -15.60 -18.61
N TRP B 98 0.60 -16.07 -17.49
CA TRP B 98 0.53 -17.51 -17.17
C TRP B 98 -0.40 -18.35 -18.04
N HIS B 99 0.11 -19.49 -18.50
CA HIS B 99 -0.70 -20.44 -19.28
C HIS B 99 -0.75 -21.73 -18.47
N GLN B 100 -1.93 -22.35 -18.43
CA GLN B 100 -2.13 -23.60 -17.70
C GLN B 100 -1.01 -24.61 -17.90
N GLY B 101 -0.57 -25.23 -16.82
CA GLY B 101 0.50 -26.20 -16.94
C GLY B 101 1.86 -25.55 -16.84
N ASP B 102 1.90 -24.22 -16.79
CA ASP B 102 3.18 -23.53 -16.62
C ASP B 102 3.62 -23.90 -15.22
N GLU B 103 4.91 -23.99 -14.99
CA GLU B 103 5.38 -24.38 -13.68
C GLU B 103 6.24 -23.37 -12.94
N ILE B 104 5.99 -23.29 -11.63
CA ILE B 104 6.71 -22.44 -10.71
C ILE B 104 7.40 -23.33 -9.66
N LEU B 105 8.72 -23.15 -9.53
CA LEU B 105 9.54 -23.88 -8.57
C LEU B 105 9.92 -22.95 -7.41
N LEU B 106 9.64 -23.34 -6.16
CA LEU B 106 10.02 -22.53 -4.98
C LEU B 106 10.93 -23.32 -4.03
N THR B 107 11.86 -22.66 -3.31
CA THR B 107 12.68 -23.42 -2.37
C THR B 107 11.69 -23.81 -1.26
N ASP B 108 12.09 -24.72 -0.38
CA ASP B 108 11.23 -25.13 0.71
C ASP B 108 11.41 -24.19 1.92
N CYS B 109 11.98 -23.01 1.69
CA CYS B 109 12.21 -22.04 2.77
C CYS B 109 11.64 -20.66 2.45
N GLU B 110 10.56 -20.62 1.66
CA GLU B 110 9.95 -19.35 1.30
C GLU B 110 8.89 -18.93 2.32
N HIS B 111 8.61 -17.64 2.32
CA HIS B 111 7.70 -17.03 3.26
C HIS B 111 6.27 -17.46 3.00
N PRO B 112 5.49 -17.69 4.07
CA PRO B 112 4.10 -18.12 3.88
C PRO B 112 3.28 -17.21 2.96
N GLY B 113 3.50 -15.91 3.05
CA GLY B 113 2.75 -15.01 2.20
C GLY B 113 3.04 -15.19 0.71
N ILE B 114 4.29 -15.48 0.36
CA ILE B 114 4.62 -15.66 -1.06
C ILE B 114 4.00 -16.94 -1.58
N ILE B 115 4.07 -18.00 -0.79
CA ILE B 115 3.48 -19.29 -1.14
C ILE B 115 2.02 -19.04 -1.47
N ALA B 116 1.36 -18.25 -0.64
CA ALA B 116 -0.05 -17.94 -0.81
C ALA B 116 -0.36 -17.25 -2.15
N ILE B 117 0.55 -16.41 -2.61
CA ILE B 117 0.34 -15.75 -3.89
C ILE B 117 0.39 -16.87 -4.93
N VAL B 118 1.43 -17.71 -4.85
CA VAL B 118 1.61 -18.79 -5.81
C VAL B 118 0.36 -19.68 -5.92
N GLN B 119 -0.25 -19.95 -4.78
CA GLN B 119 -1.44 -20.78 -4.71
C GLN B 119 -2.60 -20.05 -5.38
N ALA B 120 -2.66 -18.74 -5.18
CA ALA B 120 -3.73 -17.96 -5.80
C ALA B 120 -3.57 -17.99 -7.31
N ILE B 121 -2.33 -17.89 -7.77
CA ILE B 121 -2.06 -17.92 -9.20
C ILE B 121 -2.23 -19.31 -9.82
N ALA B 122 -2.00 -20.35 -9.02
CA ALA B 122 -2.16 -21.73 -9.50
C ALA B 122 -3.64 -21.87 -9.74
N ALA B 123 -4.46 -21.47 -8.76
CA ALA B 123 -5.90 -21.57 -8.93
C ALA B 123 -6.45 -20.65 -10.03
N ARG B 124 -5.77 -19.56 -10.31
CA ARG B 124 -6.27 -18.64 -11.32
C ARG B 124 -5.94 -19.01 -12.77
N PHE B 125 -4.69 -19.42 -13.03
CA PHE B 125 -4.31 -19.74 -14.41
C PHE B 125 -4.02 -21.23 -14.68
N GLY B 126 -4.24 -22.07 -13.68
CA GLY B 126 -4.00 -23.49 -13.85
C GLY B 126 -2.51 -23.79 -13.94
N ILE B 127 -1.71 -23.04 -13.19
CA ILE B 127 -0.29 -23.29 -13.19
C ILE B 127 -0.01 -24.30 -12.05
N THR B 128 1.20 -24.84 -12.02
CA THR B 128 1.57 -25.77 -10.95
C THR B 128 2.83 -25.26 -10.25
N TYR B 129 3.12 -25.84 -9.09
CA TYR B 129 4.27 -25.43 -8.32
C TYR B 129 4.76 -26.55 -7.43
N ARG B 130 6.06 -26.57 -7.18
CA ARG B 130 6.62 -27.58 -6.29
C ARG B 130 7.82 -26.97 -5.62
N PHE B 131 8.25 -27.58 -4.51
CA PHE B 131 9.38 -27.05 -3.79
C PHE B 131 10.63 -27.88 -4.02
N PHE B 132 11.79 -27.24 -3.99
CA PHE B 132 13.03 -27.98 -4.08
C PHE B 132 13.66 -27.76 -2.72
N PRO B 133 14.21 -28.83 -2.15
CA PRO B 133 14.82 -28.77 -0.82
C PRO B 133 16.14 -28.03 -0.72
N VAL B 134 16.11 -26.87 -0.08
CA VAL B 134 17.32 -26.10 0.11
C VAL B 134 17.66 -26.02 1.60
N ALA B 135 16.68 -26.19 2.47
CA ALA B 135 16.96 -26.10 3.91
C ALA B 135 18.13 -26.98 4.29
N ALA B 136 18.07 -28.21 3.78
CA ALA B 136 19.06 -29.25 4.02
C ALA B 136 20.44 -28.89 3.52
N THR B 137 20.56 -27.85 2.68
CA THR B 137 21.87 -27.44 2.17
C THR B 137 22.57 -26.37 3.00
N LEU B 138 22.08 -26.12 4.22
CA LEU B 138 22.71 -25.14 5.06
C LEU B 138 24.17 -25.53 5.31
N ASN B 139 24.36 -26.81 5.67
CA ASN B 139 25.70 -27.30 5.99
C ASN B 139 26.36 -28.27 5.00
N GLN B 140 25.61 -28.68 3.98
CA GLN B 140 26.12 -29.59 2.98
C GLN B 140 25.39 -29.31 1.68
N GLY B 141 25.63 -30.15 0.69
CA GLY B 141 24.95 -30.02 -0.58
C GLY B 141 25.15 -28.75 -1.37
N ASP B 142 24.34 -28.63 -2.40
CA ASP B 142 24.41 -27.52 -3.31
C ASP B 142 22.99 -27.19 -3.72
N ALA B 143 22.52 -26.00 -3.37
CA ALA B 143 21.16 -25.63 -3.72
C ALA B 143 21.01 -25.42 -5.23
N ALA B 144 22.09 -25.02 -5.90
CA ALA B 144 22.06 -24.84 -7.36
C ALA B 144 21.86 -26.22 -8.01
N ALA B 145 22.66 -27.20 -7.56
CA ALA B 145 22.56 -28.56 -8.07
C ALA B 145 21.18 -29.12 -7.80
N VAL B 146 20.63 -28.82 -6.63
CA VAL B 146 19.29 -29.29 -6.30
C VAL B 146 18.30 -28.69 -7.29
N LEU B 147 18.44 -27.39 -7.57
CA LEU B 147 17.54 -26.71 -8.48
C LEU B 147 17.59 -27.41 -9.82
N ALA B 148 18.78 -27.53 -10.38
CA ALA B 148 18.94 -28.22 -11.66
C ALA B 148 18.11 -29.50 -11.60
N ASN B 149 18.37 -30.32 -10.59
CA ASN B 149 17.65 -31.58 -10.42
C ASN B 149 16.15 -31.49 -10.59
N HIS B 150 15.54 -30.32 -10.32
CA HIS B 150 14.08 -30.14 -10.46
C HIS B 150 13.68 -29.31 -11.69
N LEU B 151 14.64 -28.59 -12.27
CA LEU B 151 14.37 -27.77 -13.45
C LEU B 151 13.73 -28.64 -14.52
N GLY B 152 12.63 -28.16 -15.10
CA GLY B 152 11.93 -28.90 -16.12
C GLY B 152 11.63 -28.10 -17.38
N PRO B 153 11.07 -28.76 -18.42
CA PRO B 153 10.74 -28.11 -19.69
C PRO B 153 9.63 -27.06 -19.53
N LYS B 154 8.75 -27.29 -18.57
CA LYS B 154 7.65 -26.36 -18.34
C LYS B 154 7.91 -25.33 -17.22
N THR B 155 9.10 -25.38 -16.63
CA THR B 155 9.48 -24.45 -15.59
C THR B 155 9.60 -23.07 -16.24
N ARG B 156 8.92 -22.08 -15.66
CA ARG B 156 8.96 -20.73 -16.21
C ARG B 156 9.57 -19.75 -15.21
N LEU B 157 9.33 -20.01 -13.92
CA LEU B 157 9.81 -19.12 -12.88
C LEU B 157 10.25 -19.89 -11.65
N VAL B 158 11.34 -19.44 -11.04
CA VAL B 158 11.87 -20.03 -9.81
C VAL B 158 11.75 -18.88 -8.80
N ILE B 159 11.32 -19.17 -7.57
CA ILE B 159 11.20 -18.13 -6.54
C ILE B 159 12.10 -18.54 -5.40
N LEU B 160 13.03 -17.68 -4.99
CA LEU B 160 13.94 -18.01 -3.92
C LEU B 160 14.32 -16.78 -3.08
N SER B 161 14.58 -16.98 -1.80
CA SER B 161 15.00 -15.90 -0.91
C SER B 161 16.52 -15.94 -0.96
N HIS B 162 17.12 -14.79 -1.24
CA HIS B 162 18.58 -14.70 -1.35
C HIS B 162 19.22 -15.13 -0.03
N LEU B 163 18.65 -14.63 1.07
CA LEU B 163 19.08 -14.97 2.43
C LEU B 163 17.82 -15.57 3.06
N LEU B 164 17.90 -16.82 3.49
CA LEU B 164 16.74 -17.53 4.06
C LEU B 164 16.31 -17.02 5.41
N TRP B 165 15.03 -16.67 5.56
CA TRP B 165 14.49 -16.12 6.80
C TRP B 165 14.41 -17.09 7.98
N ASN B 166 14.43 -18.38 7.67
CA ASN B 166 14.36 -19.41 8.70
C ASN B 166 15.71 -19.98 9.15
N THR B 167 16.58 -20.31 8.20
CA THR B 167 17.88 -20.90 8.55
C THR B 167 19.06 -19.96 8.48
N GLY B 168 18.92 -18.85 7.77
CA GLY B 168 20.03 -17.91 7.68
C GLY B 168 21.03 -18.25 6.60
N GLN B 169 20.68 -19.19 5.72
CA GLN B 169 21.58 -19.55 4.64
C GLN B 169 21.58 -18.48 3.54
N VAL B 170 22.75 -18.19 2.99
CA VAL B 170 22.83 -17.27 1.88
C VAL B 170 22.84 -18.21 0.65
N LEU B 171 21.77 -18.18 -0.15
CA LEU B 171 21.69 -19.02 -1.34
C LEU B 171 22.69 -18.56 -2.39
N PRO B 172 23.31 -19.52 -3.12
CA PRO B 172 24.31 -19.27 -4.18
C PRO B 172 23.61 -18.69 -5.43
N LEU B 173 23.17 -17.44 -5.32
CA LEU B 173 22.41 -16.78 -6.38
C LEU B 173 23.03 -16.76 -7.78
N ALA B 174 24.31 -16.43 -7.87
CA ALA B 174 24.99 -16.41 -9.18
C ALA B 174 24.88 -17.78 -9.86
N GLU B 175 25.28 -18.84 -9.17
CA GLU B 175 25.21 -20.20 -9.71
C GLU B 175 23.78 -20.65 -10.00
N ILE B 176 22.81 -20.14 -9.25
CA ILE B 176 21.44 -20.55 -9.49
C ILE B 176 20.93 -19.82 -10.73
N MET B 177 21.49 -18.64 -10.98
CA MET B 177 21.09 -17.87 -12.16
C MET B 177 21.65 -18.62 -13.37
N ALA B 178 22.95 -18.89 -13.32
CA ALA B 178 23.65 -19.62 -14.39
C ALA B 178 22.92 -20.92 -14.68
N VAL B 179 22.63 -21.68 -13.64
CA VAL B 179 21.92 -22.93 -13.82
C VAL B 179 20.66 -22.64 -14.62
N CYS B 180 20.00 -21.53 -14.29
CA CYS B 180 18.77 -21.13 -14.97
C CYS B 180 18.95 -20.64 -16.42
N ARG B 181 20.01 -19.89 -16.69
CA ARG B 181 20.22 -19.42 -18.06
C ARG B 181 20.48 -20.64 -18.94
N ARG B 182 21.45 -21.42 -18.51
CA ARG B 182 21.91 -22.63 -19.16
C ARG B 182 20.79 -23.56 -19.58
N HIS B 183 19.77 -23.67 -18.73
CA HIS B 183 18.64 -24.55 -19.01
C HIS B 183 17.93 -24.30 -20.34
N GLN B 184 17.60 -25.38 -21.05
CA GLN B 184 16.87 -25.29 -22.31
C GLN B 184 15.51 -25.96 -22.11
N GLY B 185 14.45 -25.16 -22.02
CA GLY B 185 13.14 -25.73 -21.83
C GLY B 185 12.15 -24.96 -22.68
N ASN B 186 10.87 -25.05 -22.36
CA ASN B 186 9.84 -24.34 -23.10
C ASN B 186 9.93 -22.81 -22.91
N TYR B 187 10.47 -22.38 -21.76
CA TYR B 187 10.60 -20.97 -21.43
C TYR B 187 11.99 -20.60 -20.98
N PRO B 188 12.37 -19.33 -21.20
CA PRO B 188 13.69 -18.91 -20.74
C PRO B 188 13.37 -18.79 -19.25
N VAL B 189 13.99 -19.60 -18.41
CA VAL B 189 13.70 -19.59 -16.98
C VAL B 189 14.12 -18.29 -16.27
N ARG B 190 13.16 -17.65 -15.60
CA ARG B 190 13.42 -16.40 -14.87
C ARG B 190 13.39 -16.61 -13.36
N VAL B 191 14.12 -15.76 -12.63
CA VAL B 191 14.18 -15.87 -11.17
C VAL B 191 13.75 -14.63 -10.38
N LEU B 192 12.68 -14.80 -9.61
CA LEU B 192 12.13 -13.77 -8.71
C LEU B 192 12.78 -14.01 -7.34
N VAL B 193 13.53 -13.03 -6.86
CA VAL B 193 14.22 -13.12 -5.60
C VAL B 193 13.52 -12.34 -4.50
N ASP B 194 13.27 -13.01 -3.38
CA ASP B 194 12.66 -12.38 -2.19
C ASP B 194 13.87 -11.88 -1.41
N GLY B 195 14.08 -10.57 -1.44
CA GLY B 195 15.21 -9.97 -0.75
C GLY B 195 14.91 -9.37 0.62
N ALA B 196 13.89 -9.88 1.29
CA ALA B 196 13.52 -9.36 2.61
C ALA B 196 14.68 -9.28 3.59
N GLN B 197 15.50 -10.33 3.65
CA GLN B 197 16.61 -10.38 4.57
C GLN B 197 17.94 -9.92 3.96
N SER B 198 18.12 -10.16 2.65
CA SER B 198 19.37 -9.80 2.01
C SER B 198 19.55 -8.32 1.79
N ALA B 199 18.53 -7.62 1.27
CA ALA B 199 18.69 -6.18 1.01
C ALA B 199 19.02 -5.41 2.29
N GLY B 200 20.08 -4.62 2.24
CA GLY B 200 20.45 -3.89 3.44
C GLY B 200 21.39 -4.63 4.36
N SER B 201 21.67 -5.92 4.11
CA SER B 201 22.64 -6.64 4.92
C SER B 201 23.74 -7.14 3.98
N LEU B 202 23.38 -7.82 2.90
CA LEU B 202 24.40 -8.27 1.92
C LEU B 202 24.70 -7.12 0.95
N PRO B 203 25.96 -7.00 0.50
CA PRO B 203 26.21 -5.92 -0.45
C PRO B 203 25.55 -6.41 -1.75
N LEU B 204 24.67 -5.61 -2.34
CA LEU B 204 23.98 -5.98 -3.57
C LEU B 204 24.27 -5.01 -4.71
N ASP B 205 24.70 -5.57 -5.84
CA ASP B 205 25.01 -4.79 -7.04
C ASP B 205 24.43 -5.52 -8.22
N PHE B 206 23.35 -4.99 -8.77
CA PHE B 206 22.70 -5.62 -9.89
C PHE B 206 23.33 -5.33 -11.24
N SER B 207 24.48 -4.67 -11.22
CA SER B 207 25.20 -4.40 -12.45
C SER B 207 26.15 -5.61 -12.55
N ARG B 208 26.88 -5.86 -11.47
CA ARG B 208 27.82 -6.98 -11.42
C ARG B 208 27.14 -8.32 -11.18
N LEU B 209 25.94 -8.29 -10.60
CA LEU B 209 25.16 -9.48 -10.30
C LEU B 209 23.92 -9.43 -11.19
N GLU B 210 23.77 -10.42 -12.05
CA GLU B 210 22.64 -10.47 -12.96
C GLU B 210 21.39 -10.97 -12.26
N VAL B 211 20.35 -10.14 -12.26
CA VAL B 211 19.09 -10.45 -11.61
C VAL B 211 17.93 -10.14 -12.55
N ASP B 212 16.85 -10.89 -12.41
CA ASP B 212 15.65 -10.71 -13.21
C ASP B 212 14.66 -9.83 -12.42
N TYR B 213 14.21 -10.34 -11.27
CA TYR B 213 13.30 -9.61 -10.38
C TYR B 213 13.82 -9.74 -8.96
N TYR B 214 13.82 -8.63 -8.22
CA TYR B 214 14.31 -8.63 -6.86
C TYR B 214 13.39 -7.74 -6.01
N ALA B 215 12.57 -8.37 -5.17
CA ALA B 215 11.64 -7.66 -4.29
C ALA B 215 12.32 -7.42 -2.93
N PHE B 216 12.13 -6.23 -2.36
CA PHE B 216 12.71 -5.91 -1.06
C PHE B 216 11.83 -4.93 -0.27
N THR B 217 12.20 -4.71 0.98
CA THR B 217 11.49 -3.76 1.82
C THR B 217 12.50 -2.84 2.48
N GLY B 218 12.02 -1.69 2.92
CA GLY B 218 12.89 -0.75 3.58
C GLY B 218 12.86 -0.89 5.09
N HIS B 219 11.86 -1.61 5.63
CA HIS B 219 11.65 -1.69 7.07
C HIS B 219 12.39 -2.73 7.88
N LYS B 220 13.23 -3.53 7.23
CA LYS B 220 13.99 -4.51 7.96
C LYS B 220 15.44 -4.04 8.10
N TRP B 221 16.39 -4.67 7.43
CA TRP B 221 17.78 -4.24 7.56
C TRP B 221 18.11 -2.78 7.18
N PHE B 222 17.36 -2.15 6.27
CA PHE B 222 17.61 -0.75 5.91
C PHE B 222 17.12 0.20 7.01
N ALA B 223 16.35 -0.35 7.95
CA ALA B 223 15.83 0.39 9.11
C ALA B 223 14.87 1.55 8.80
N GLY B 224 14.13 1.47 7.71
CA GLY B 224 13.19 2.54 7.46
C GLY B 224 11.90 2.18 8.20
N PRO B 225 10.87 2.98 8.06
CA PRO B 225 9.57 2.75 8.71
C PRO B 225 8.74 1.66 8.01
N ALA B 226 7.87 1.00 8.78
CA ALA B 226 6.99 -0.01 8.22
C ALA B 226 6.11 0.68 7.18
N GLY B 227 6.01 0.06 6.00
CA GLY B 227 5.16 0.63 4.96
C GLY B 227 5.79 1.11 3.69
N VAL B 228 7.10 0.99 3.55
CA VAL B 228 7.72 1.43 2.32
C VAL B 228 8.78 0.40 1.88
N GLY B 229 8.64 -0.10 0.65
CA GLY B 229 9.59 -1.08 0.15
C GLY B 229 9.74 -0.82 -1.34
N GLY B 230 10.28 -1.80 -2.07
CA GLY B 230 10.45 -1.59 -3.50
C GLY B 230 10.71 -2.86 -4.29
N LEU B 231 10.78 -2.71 -5.61
CA LEU B 231 10.98 -3.84 -6.51
C LEU B 231 11.89 -3.51 -7.67
N TYR B 232 12.88 -4.37 -7.92
CA TYR B 232 13.79 -4.17 -9.03
C TYR B 232 13.42 -5.15 -10.12
N ILE B 233 13.31 -4.63 -11.35
CA ILE B 233 13.00 -5.43 -12.52
C ILE B 233 13.99 -5.05 -13.59
N HIS B 234 14.78 -6.02 -14.04
CA HIS B 234 15.74 -5.75 -15.08
C HIS B 234 15.01 -5.25 -16.34
N GLY B 235 15.63 -4.30 -17.04
CA GLY B 235 15.05 -3.77 -18.27
C GLY B 235 14.61 -4.84 -19.27
N ASP B 236 15.35 -5.94 -19.34
CA ASP B 236 15.02 -7.00 -20.30
C ASP B 236 13.79 -7.79 -19.91
N CYS B 237 13.29 -7.61 -18.68
CA CYS B 237 12.12 -8.34 -18.20
C CYS B 237 10.88 -7.49 -18.03
N LEU B 238 11.04 -6.19 -18.09
CA LEU B 238 9.94 -5.27 -17.91
C LEU B 238 8.73 -5.57 -18.78
N GLY B 239 8.98 -5.81 -20.08
CA GLY B 239 7.90 -6.08 -21.01
C GLY B 239 6.99 -7.24 -20.65
N GLU B 240 7.60 -8.30 -20.10
CA GLU B 240 6.91 -9.52 -19.69
C GLU B 240 5.97 -9.25 -18.52
N ILE B 241 6.19 -8.16 -17.79
CA ILE B 241 5.36 -7.85 -16.63
C ILE B 241 4.25 -6.88 -16.97
N ASN B 242 3.01 -7.38 -17.03
CA ASN B 242 1.87 -6.53 -17.35
C ASN B 242 1.38 -5.84 -16.06
N PRO B 243 1.07 -4.53 -16.11
CA PRO B 243 0.59 -3.94 -14.86
C PRO B 243 -0.70 -4.63 -14.45
N THR B 244 -0.92 -4.78 -13.14
CA THR B 244 -2.13 -5.44 -12.63
C THR B 244 -2.80 -4.42 -11.73
N TYR B 245 -2.38 -4.30 -10.47
CA TYR B 245 -3.01 -3.27 -9.63
C TYR B 245 -2.47 -1.93 -10.12
N VAL B 246 -3.34 -1.11 -10.69
CA VAL B 246 -2.94 0.17 -11.21
C VAL B 246 -3.84 1.31 -10.72
N GLY B 247 -3.40 2.53 -10.99
CA GLY B 247 -4.16 3.69 -10.57
C GLY B 247 -3.62 4.95 -11.21
N TRP B 248 -3.91 6.10 -10.60
CA TRP B 248 -3.47 7.32 -11.23
C TRP B 248 -1.97 7.51 -11.33
N ARG B 249 -1.20 6.85 -10.48
CA ARG B 249 0.27 6.94 -10.57
C ARG B 249 0.84 6.04 -11.68
N SER B 250 -0.01 5.17 -12.25
CA SER B 250 0.51 4.20 -13.24
C SER B 250 0.61 4.64 -14.68
N ILE B 251 -0.07 5.75 -14.96
CA ILE B 251 -0.23 6.23 -16.34
C ILE B 251 0.27 7.61 -16.67
N THR B 252 0.20 7.92 -17.97
CA THR B 252 0.51 9.23 -18.54
C THR B 252 -0.86 9.80 -18.96
N TYR B 253 -0.96 11.12 -19.00
CA TYR B 253 -2.22 11.81 -19.31
C TYR B 253 -2.27 12.62 -20.61
N GLY B 254 -3.47 12.67 -21.19
CA GLY B 254 -3.64 13.40 -22.43
C GLY B 254 -4.14 14.80 -22.15
N ALA B 255 -4.47 15.51 -23.22
CA ALA B 255 -4.95 16.89 -23.17
C ALA B 255 -6.20 17.12 -22.30
N LYS B 256 -7.10 16.13 -22.26
CA LYS B 256 -8.33 16.24 -21.46
C LYS B 256 -8.23 15.46 -20.15
N GLY B 257 -6.99 15.12 -19.75
CA GLY B 257 -6.79 14.37 -18.53
C GLY B 257 -7.07 12.88 -18.64
N GLU B 258 -7.22 12.40 -19.87
CA GLU B 258 -7.50 10.99 -20.13
C GLU B 258 -6.23 10.14 -20.12
N PRO B 259 -6.34 8.84 -19.78
CA PRO B 259 -5.16 7.95 -19.77
C PRO B 259 -4.62 7.82 -21.19
N THR B 260 -3.30 7.88 -21.38
CA THR B 260 -2.73 7.76 -22.71
C THR B 260 -1.54 6.79 -22.80
N GLY B 261 -1.38 5.94 -21.80
CA GLY B 261 -0.30 4.98 -21.81
C GLY B 261 0.25 4.78 -20.41
N TRP B 262 1.26 3.94 -20.31
CA TRP B 262 1.86 3.68 -19.03
C TRP B 262 2.95 4.68 -18.66
N ALA B 263 3.10 4.92 -17.36
CA ALA B 263 4.10 5.82 -16.85
C ALA B 263 5.45 5.16 -17.15
N GLU B 264 6.50 5.97 -17.14
CA GLU B 264 7.86 5.55 -17.42
C GLU B 264 8.41 4.45 -16.47
N GLY B 265 8.99 3.40 -17.07
CA GLY B 265 9.59 2.34 -16.28
C GLY B 265 8.76 1.73 -15.15
N GLY B 266 9.39 1.60 -13.98
CA GLY B 266 8.74 0.99 -12.82
C GLY B 266 7.54 1.73 -12.27
N LYS B 267 7.36 2.99 -12.67
CA LYS B 267 6.22 3.76 -12.20
C LYS B 267 4.88 3.16 -12.57
N ARG B 268 4.83 2.39 -13.67
CA ARG B 268 3.57 1.79 -14.11
C ARG B 268 2.99 0.79 -13.11
N PHE B 269 3.81 0.30 -12.18
CA PHE B 269 3.34 -0.64 -11.16
C PHE B 269 3.03 0.04 -9.81
N GLU B 270 3.05 1.38 -9.80
CA GLU B 270 2.76 2.17 -8.58
C GLU B 270 1.30 2.58 -8.71
N VAL B 271 0.57 2.50 -7.61
CA VAL B 271 -0.89 2.72 -7.70
C VAL B 271 -1.52 4.09 -7.50
N ALA B 272 -1.54 4.56 -6.26
CA ALA B 272 -2.21 5.82 -5.95
C ALA B 272 -1.72 6.42 -4.64
N THR B 273 -2.60 7.09 -3.90
CA THR B 273 -2.10 7.74 -2.69
C THR B 273 -1.41 6.82 -1.68
N SER B 274 -0.20 7.19 -1.28
CA SER B 274 0.62 6.45 -0.34
C SER B 274 1.04 7.35 0.82
N ALA B 275 1.62 6.78 1.87
CA ALA B 275 2.06 7.58 3.03
C ALA B 275 3.40 8.28 2.75
N TYR B 276 3.36 9.32 1.93
CA TYR B 276 4.54 10.07 1.54
C TYR B 276 5.57 10.41 2.61
N PRO B 277 5.14 10.93 3.78
CA PRO B 277 6.12 11.25 4.82
C PRO B 277 6.99 10.03 5.14
N GLN B 278 6.42 8.85 4.96
CA GLN B 278 7.12 7.60 5.21
C GLN B 278 8.27 7.43 4.22
N TYR B 279 8.05 7.98 3.03
CA TYR B 279 9.06 7.91 1.97
C TYR B 279 10.28 8.70 2.41
N ALA B 280 10.07 9.87 3.00
CA ALA B 280 11.19 10.67 3.49
C ALA B 280 11.90 9.90 4.63
N GLY B 281 11.13 9.17 5.43
CA GLY B 281 11.77 8.38 6.50
C GLY B 281 12.72 7.33 5.91
N LEU B 282 12.30 6.62 4.87
CA LEU B 282 13.15 5.59 4.27
C LEU B 282 14.36 6.27 3.62
N LEU B 283 14.12 7.41 2.94
CA LEU B 283 15.21 8.13 2.28
C LEU B 283 16.30 8.45 3.30
N ALA B 284 15.90 9.00 4.46
CA ALA B 284 16.84 9.36 5.52
C ALA B 284 17.60 8.14 6.07
N ALA B 285 16.91 7.03 6.24
CA ALA B 285 17.52 5.82 6.74
C ALA B 285 18.55 5.30 5.73
N LEU B 286 18.23 5.34 4.44
CA LEU B 286 19.15 4.87 3.39
C LEU B 286 20.41 5.73 3.42
N GLN B 287 20.23 7.04 3.50
CA GLN B 287 21.36 7.98 3.52
C GLN B 287 22.23 7.80 4.76
N LEU B 288 21.63 7.40 5.88
CA LEU B 288 22.40 7.18 7.10
C LEU B 288 23.30 5.96 6.93
N HIS B 289 22.74 4.85 6.46
CA HIS B 289 23.57 3.67 6.29
C HIS B 289 24.77 3.92 5.37
N GLN B 290 24.59 4.73 4.34
CA GLN B 290 25.67 5.04 3.39
C GLN B 290 26.69 5.96 4.05
N ARG B 291 26.27 6.65 5.10
CA ARG B 291 27.18 7.51 5.84
C ARG B 291 28.15 6.61 6.61
N GLN B 292 27.70 5.39 6.95
CA GLN B 292 28.50 4.45 7.74
C GLN B 292 29.28 3.42 6.91
N GLY B 293 30.31 3.86 6.21
CA GLY B 293 31.09 2.92 5.41
C GLY B 293 30.31 2.32 4.25
N THR B 294 31.02 1.55 3.43
CA THR B 294 30.44 0.90 2.26
C THR B 294 29.57 -0.30 2.64
N ALA B 295 28.79 -0.82 1.68
CA ALA B 295 27.96 -1.99 1.96
C ALA B 295 28.86 -3.16 2.36
N GLU B 296 30.02 -3.27 1.73
CA GLU B 296 30.93 -4.36 2.05
C GLU B 296 31.47 -4.24 3.48
N GLU B 297 31.86 -3.03 3.91
CA GLU B 297 32.39 -2.90 5.28
C GLU B 297 31.27 -3.23 6.28
N ARG B 298 30.05 -2.81 5.95
CA ARG B 298 28.92 -3.07 6.84
C ARG B 298 28.63 -4.56 6.89
N TYR B 299 28.70 -5.21 5.73
CA TYR B 299 28.47 -6.63 5.70
C TYR B 299 29.51 -7.35 6.55
N GLN B 300 30.78 -6.95 6.45
CA GLN B 300 31.79 -7.63 7.25
C GLN B 300 31.54 -7.39 8.73
N ALA B 301 31.10 -6.19 9.08
CA ALA B 301 30.79 -5.87 10.48
C ALA B 301 29.66 -6.79 10.94
N ILE B 302 28.64 -6.94 10.09
CA ILE B 302 27.53 -7.83 10.41
C ILE B 302 28.05 -9.27 10.66
N CYS B 303 28.91 -9.77 9.78
CA CYS B 303 29.38 -11.15 9.98
C CYS B 303 30.24 -11.32 11.23
N GLN B 304 30.98 -10.28 11.60
CA GLN B 304 31.82 -10.37 12.77
C GLN B 304 30.93 -10.47 14.00
N ARG B 305 29.79 -9.78 13.98
CA ARG B 305 28.87 -9.84 15.10
C ARG B 305 28.18 -11.20 15.15
N SER B 306 27.72 -11.69 14.00
CA SER B 306 27.03 -12.97 13.98
C SER B 306 27.95 -14.14 14.30
N GLU B 307 29.23 -14.02 13.96
CA GLU B 307 30.11 -15.14 14.25
C GLU B 307 30.43 -15.15 15.74
N PHE B 308 30.56 -13.97 16.31
CA PHE B 308 30.82 -13.86 17.74
C PHE B 308 29.63 -14.48 18.52
N LEU B 309 28.41 -14.25 18.05
CA LEU B 309 27.19 -14.77 18.70
C LEU B 309 27.12 -16.28 18.49
N TRP B 310 27.36 -16.71 17.25
CA TRP B 310 27.33 -18.11 16.86
C TRP B 310 28.37 -18.90 17.68
N ARG B 311 29.56 -18.32 17.83
CA ARG B 311 30.64 -18.96 18.59
C ARG B 311 30.22 -19.06 20.04
N GLY B 312 29.56 -18.01 20.54
CA GLY B 312 29.08 -17.98 21.91
C GLY B 312 28.03 -19.06 22.13
N LEU B 313 27.10 -19.21 21.17
CA LEU B 313 26.07 -20.23 21.27
C LEU B 313 26.64 -21.65 21.21
N ASN B 314 27.67 -21.87 20.40
CA ASN B 314 28.31 -23.18 20.29
C ASN B 314 28.89 -23.63 21.64
N GLN B 315 29.24 -22.67 22.49
CA GLN B 315 29.80 -22.98 23.80
C GLN B 315 28.75 -23.32 24.87
N LEU B 316 27.50 -22.87 24.68
CA LEU B 316 26.42 -23.18 25.62
C LEU B 316 26.03 -24.63 25.40
N PRO B 317 26.11 -25.46 26.44
CA PRO B 317 25.78 -26.88 26.30
C PRO B 317 24.38 -27.25 25.85
N HIS B 318 23.38 -26.42 26.11
CA HIS B 318 22.01 -26.78 25.72
C HIS B 318 21.43 -26.00 24.54
N VAL B 319 22.30 -25.32 23.81
CA VAL B 319 21.88 -24.58 22.63
C VAL B 319 22.53 -25.26 21.43
N HIS B 320 21.79 -25.38 20.33
CA HIS B 320 22.35 -25.99 19.13
C HIS B 320 22.07 -25.16 17.88
N CYS B 321 23.13 -24.57 17.35
CA CYS B 321 23.03 -23.74 16.15
C CYS B 321 22.71 -24.60 14.93
N LEU B 322 21.82 -24.11 14.06
CA LEU B 322 21.52 -24.87 12.85
C LEU B 322 22.76 -24.93 11.96
N ALA B 323 23.55 -23.86 11.96
CA ALA B 323 24.75 -23.81 11.11
C ALA B 323 25.96 -24.42 11.79
N THR B 324 26.64 -25.33 11.09
CA THR B 324 27.85 -25.94 11.65
C THR B 324 29.10 -25.14 11.29
N SER B 325 28.98 -24.20 10.35
CA SER B 325 30.07 -23.28 10.01
C SER B 325 29.53 -21.87 10.30
N ALA B 326 30.41 -20.89 10.43
CA ALA B 326 29.98 -19.53 10.74
C ALA B 326 28.87 -19.02 9.81
N PRO B 327 27.95 -18.22 10.36
CA PRO B 327 26.86 -17.67 9.53
C PRO B 327 27.39 -16.86 8.34
N GLN B 328 26.72 -16.91 7.21
CA GLN B 328 27.16 -16.14 6.05
C GLN B 328 26.54 -14.74 6.05
N ALA B 329 25.66 -14.46 7.01
CA ALA B 329 25.06 -13.14 7.11
C ALA B 329 24.69 -12.84 8.55
N GLY B 330 23.69 -12.00 8.75
CA GLY B 330 23.32 -11.66 10.11
C GLY B 330 22.38 -12.56 10.88
N LEU B 331 21.77 -13.52 10.20
CA LEU B 331 20.81 -14.43 10.83
C LEU B 331 21.46 -15.63 11.50
N VAL B 332 21.17 -15.82 12.79
CA VAL B 332 21.74 -16.97 13.50
C VAL B 332 20.57 -17.73 14.15
N SER B 333 20.27 -18.91 13.61
CA SER B 333 19.21 -19.76 14.11
C SER B 333 19.76 -20.91 14.93
N PHE B 334 19.00 -21.28 15.96
CA PHE B 334 19.42 -22.32 16.89
C PHE B 334 18.22 -22.92 17.63
N THR B 335 18.45 -24.05 18.29
CA THR B 335 17.40 -24.69 19.07
C THR B 335 17.89 -24.71 20.52
N VAL B 336 16.98 -24.88 21.47
CA VAL B 336 17.34 -24.93 22.88
C VAL B 336 16.77 -26.21 23.50
N ASP B 337 17.60 -27.00 24.18
CA ASP B 337 17.13 -28.25 24.83
C ASP B 337 16.45 -27.83 26.12
N SER B 338 15.13 -27.86 26.14
CA SER B 338 14.40 -27.44 27.34
C SER B 338 12.95 -27.91 27.26
N PRO B 339 12.36 -28.22 28.42
CA PRO B 339 10.96 -28.68 28.40
C PRO B 339 10.02 -27.54 27.94
N LEU B 340 10.43 -26.31 28.18
CA LEU B 340 9.66 -25.10 27.85
C LEU B 340 9.12 -24.90 26.45
N GLY B 341 9.90 -25.26 25.44
CA GLY B 341 9.43 -25.02 24.08
C GLY B 341 9.96 -23.64 23.69
N HIS B 342 10.22 -23.45 22.41
CA HIS B 342 10.79 -22.21 21.92
C HIS B 342 9.91 -20.98 22.05
N ARG B 343 8.60 -21.12 21.97
CA ARG B 343 7.79 -19.94 22.09
C ARG B 343 7.87 -19.41 23.52
N ALA B 344 7.81 -20.31 24.49
CA ALA B 344 7.86 -19.84 25.87
C ALA B 344 9.22 -19.17 26.16
N ILE B 345 10.27 -19.66 25.51
CA ILE B 345 11.61 -19.10 25.73
C ILE B 345 11.73 -17.69 25.13
N VAL B 346 11.24 -17.49 23.92
CA VAL B 346 11.25 -16.19 23.28
C VAL B 346 10.42 -15.21 24.12
N GLN B 347 9.30 -15.69 24.66
CA GLN B 347 8.45 -14.86 25.49
C GLN B 347 9.19 -14.45 26.77
N LYS B 348 9.74 -15.42 27.48
CA LYS B 348 10.50 -15.12 28.68
C LYS B 348 11.64 -14.14 28.36
N LEU B 349 12.31 -14.35 27.23
CA LEU B 349 13.40 -13.45 26.85
C LEU B 349 12.89 -12.01 26.66
N GLU B 350 11.72 -11.86 26.05
CA GLU B 350 11.12 -10.54 25.84
C GLU B 350 10.74 -9.92 27.20
N GLU B 351 10.42 -10.78 28.16
CA GLU B 351 10.08 -10.37 29.52
C GLU B 351 11.31 -9.64 30.11
N GLN B 352 12.49 -10.01 29.63
CA GLN B 352 13.73 -9.39 30.08
C GLN B 352 14.25 -8.37 29.08
N ARG B 353 13.38 -7.97 28.17
CA ARG B 353 13.66 -7.01 27.13
C ARG B 353 14.75 -7.46 26.17
N ILE B 354 14.75 -8.76 25.88
CA ILE B 354 15.66 -9.36 24.91
C ILE B 354 14.71 -9.84 23.79
N TYR B 355 14.95 -9.30 22.59
CA TYR B 355 14.07 -9.58 21.45
C TYR B 355 14.58 -10.48 20.33
N LEU B 356 14.05 -11.69 20.30
CA LEU B 356 14.38 -12.67 19.28
C LEU B 356 13.06 -13.12 18.66
N ARG B 357 13.15 -14.01 17.67
CA ARG B 357 11.92 -14.49 17.02
C ARG B 357 11.81 -16.00 16.98
N THR B 358 10.60 -16.50 17.21
CA THR B 358 10.37 -17.94 17.05
C THR B 358 10.19 -18.23 15.54
N ILE B 359 10.81 -19.29 15.05
CA ILE B 359 10.69 -19.70 13.64
C ILE B 359 9.79 -20.94 13.61
N ALA B 360 8.80 -20.97 12.73
CA ALA B 360 7.85 -22.10 12.68
C ALA B 360 8.41 -23.37 12.06
N ASP B 361 9.20 -23.21 11.00
CA ASP B 361 9.81 -24.32 10.32
C ASP B 361 11.19 -23.96 9.78
N PRO B 362 12.23 -24.60 10.30
CA PRO B 362 12.19 -25.63 11.33
C PRO B 362 11.86 -24.97 12.67
N ASP B 363 11.35 -25.74 13.61
CA ASP B 363 11.01 -25.18 14.95
C ASP B 363 12.31 -24.74 15.65
N CYS B 364 12.58 -23.44 15.65
CA CYS B 364 13.81 -22.92 16.25
C CYS B 364 13.64 -21.46 16.63
N ILE B 365 14.71 -20.85 17.14
CA ILE B 365 14.68 -19.44 17.51
C ILE B 365 15.69 -18.74 16.61
N ARG B 366 15.38 -17.52 16.20
CA ARG B 366 16.28 -16.77 15.33
C ARG B 366 16.72 -15.44 15.93
N ALA B 367 18.02 -15.18 15.84
CA ALA B 367 18.59 -13.91 16.32
C ALA B 367 19.18 -13.19 15.11
N CYS B 368 18.97 -11.88 15.05
CA CYS B 368 19.50 -11.06 13.98
C CYS B 368 20.53 -10.10 14.56
N CYS B 369 21.76 -10.14 14.03
CA CYS B 369 22.84 -9.23 14.45
C CYS B 369 23.10 -8.21 13.34
N HIS B 370 23.06 -6.94 13.67
CA HIS B 370 23.29 -5.93 12.65
C HIS B 370 24.63 -5.24 12.90
N TYR B 371 25.05 -4.33 12.03
CA TYR B 371 26.33 -3.70 12.27
C TYR B 371 26.29 -2.79 13.49
N ILE B 372 25.09 -2.44 13.96
CA ILE B 372 24.97 -1.60 15.16
C ILE B 372 24.84 -2.45 16.43
N THR B 373 24.82 -3.76 16.27
CA THR B 373 24.75 -4.63 17.43
C THR B 373 26.14 -4.69 18.04
N ASP B 374 26.24 -4.78 19.35
CA ASP B 374 27.57 -4.88 19.96
C ASP B 374 27.74 -6.16 20.76
N GLU B 375 28.97 -6.43 21.17
CA GLU B 375 29.28 -7.63 21.94
C GLU B 375 28.62 -7.65 23.30
N GLU B 376 28.43 -6.49 23.90
CA GLU B 376 27.77 -6.43 25.20
C GLU B 376 26.34 -6.98 25.08
N GLU B 377 25.66 -6.62 24.00
CA GLU B 377 24.30 -7.09 23.80
C GLU B 377 24.35 -8.60 23.57
N ILE B 378 25.35 -9.04 22.81
CA ILE B 378 25.48 -10.46 22.55
C ILE B 378 25.79 -11.20 23.85
N ASN B 379 26.72 -10.70 24.63
CA ASN B 379 27.05 -11.40 25.87
C ASN B 379 25.83 -11.50 26.78
N HIS B 380 25.00 -10.45 26.80
CA HIS B 380 23.79 -10.41 27.60
C HIS B 380 22.84 -11.52 27.17
N LEU B 381 22.63 -11.64 25.87
CA LEU B 381 21.76 -12.69 25.32
C LEU B 381 22.29 -14.04 25.77
N LEU B 382 23.60 -14.25 25.59
CA LEU B 382 24.22 -15.50 25.92
C LEU B 382 24.07 -15.80 27.40
N ALA B 383 24.18 -14.79 28.23
CA ALA B 383 24.04 -15.01 29.68
C ALA B 383 22.60 -15.45 30.02
N ARG B 384 21.61 -14.84 29.39
CA ARG B 384 20.24 -15.21 29.74
C ARG B 384 19.80 -16.50 29.07
N LEU B 385 20.36 -16.81 27.90
CA LEU B 385 20.03 -18.07 27.24
C LEU B 385 20.58 -19.25 28.02
N ALA B 386 21.69 -18.99 28.71
CA ALA B 386 22.35 -20.03 29.49
C ALA B 386 21.46 -20.55 30.60
N ASP B 387 20.49 -19.74 31.01
CA ASP B 387 19.58 -20.14 32.07
C ASP B 387 18.64 -21.28 31.70
N PHE B 388 18.40 -21.52 30.41
CA PHE B 388 17.49 -22.60 30.01
C PHE B 388 18.26 -23.94 29.90
N GLY B 389 17.56 -25.05 30.08
CA GLY B 389 18.20 -26.37 30.01
C GLY B 389 17.28 -27.56 30.17
N PRO B 390 17.76 -28.79 29.85
CA PRO B 390 16.97 -30.00 29.96
C PRO B 390 16.99 -30.54 31.39
K K C . -22.31 34.45 -11.66
N1 PLP D . -11.67 8.60 -7.39
C2 PLP D . -12.21 9.89 -7.17
C2A PLP D . -13.67 10.07 -7.60
C3 PLP D . -11.36 10.82 -6.44
O3 PLP D . -11.89 12.05 -6.23
C4 PLP D . -10.09 10.41 -6.01
C4A PLP D . -9.35 11.38 -5.23
C5 PLP D . -9.62 9.02 -6.33
C6 PLP D . -10.43 8.12 -7.01
C5A PLP D . -8.15 8.67 -5.99
O4P PLP D . -7.99 8.38 -4.62
P PLP D . -6.68 7.61 -4.10
O1P PLP D . -5.46 8.41 -4.45
O2P PLP D . -6.83 6.33 -4.80
O3P PLP D . -7.03 7.58 -2.63
K K E . 26.32 -25.59 21.74
N1 PLP F . 9.65 -12.82 2.89
C2 PLP F . 10.62 -13.06 3.83
C2A PLP F . 11.60 -14.17 3.44
C3 PLP F . 10.59 -12.20 5.04
O3 PLP F . 11.59 -12.43 5.87
C4 PLP F . 9.58 -11.20 5.14
C4A PLP F . 9.59 -10.18 6.19
C5 PLP F . 8.58 -11.10 4.04
C6 PLP F . 8.66 -11.90 2.94
C5A PLP F . 7.33 -10.16 4.20
O4P PLP F . 7.72 -8.80 4.14
P PLP F . 6.67 -7.65 3.97
O1P PLP F . 5.71 -7.60 5.10
O2P PLP F . 6.02 -8.08 2.69
O3P PLP F . 7.46 -6.47 3.89
#